data_6KU1
#
_entry.id   6KU1
#
_cell.length_a   62.720
_cell.length_b   88.000
_cell.length_c   90.570
_cell.angle_alpha   90.000
_cell.angle_beta   90.460
_cell.angle_gamma   90.000
#
_symmetry.space_group_name_H-M   'P 1 21 1'
#
loop_
_entity.id
_entity.type
_entity.pdbx_description
1 polymer Sulfurtransferase
2 non-polymer 'MAGNESIUM ION'
3 non-polymer trimethyl-[(2S)-1-oxidanyl-1-oxidanylidene-3-(2-sulfanylidene-1,3-dihydroimidazol-4-yl)propan-2-yl]azanium
4 non-polymer 'CHLORIDE ION'
5 non-polymer 1,2-ETHANEDIOL
6 water water
#
_entity_poly.entity_id   1
_entity_poly.type   'polypeptide(L)'
_entity_poly.pdbx_seq_one_letter_code
;GSEFQNKNFRAPQSEAIGILYKLIETGSKHKNMYDHTEITTDSLLALLGSEKVKIIDVRSADAYNGWRMRGEVRGGHIKG
AKSLPAKWLTDPEWLNIVRFKQIRPEDAIVLYGYTPEECEQTATRFKENGYNNVSVFHRFHPDWTGNDAFPMDRLEQYNR
LVPAEWVNGLISGEEIPEYDNDTFIVCHAHYRNRDAYLSGHIPGATDMDTLALESPETWNRRTPEELKKALEEHGITAST
TVVLYGKFMHPDNADEFPGSAAGHIGAIRLAFIMMYAGVEDVRVLNGGYQSWTDAGFAISKDDVPKTTVPEFGAPIPSRP
EFAVDIDEAKEMLQSEDSDLV(TSY)VRSYPEYIGEVSGANYIKKKGRIPGAIFAECGSDAYHMENYRNHDHTTREYHEI
EDIWAKSGIIPKKHLAFY(CSS)GTGWRGSEAWFNALLMGWPRVSVYDGGWFEWSNDPENPYETGVPK
;
_entity_poly.pdbx_strand_id   A,B
#
loop_
_chem_comp.id
_chem_comp.type
_chem_comp.name
_chem_comp.formula
CL non-polymer 'CHLORIDE ION' 'Cl -1'
EDO non-polymer 1,2-ETHANEDIOL 'C2 H6 O2'
LW8 non-polymer trimethyl-[(2S)-1-oxidanyl-1-oxidanylidene-3-(2-sulfanylidene-1,3-dihydroimidazol-4-yl)propan-2-yl]azanium 'C9 H16 N3 O2 S 1'
MG non-polymer 'MAGNESIUM ION' 'Mg 2'
#
# COMPACT_ATOMS: atom_id res chain seq x y z
N ASP A 35 12.07 -22.76 -4.14
CA ASP A 35 13.48 -22.85 -4.51
C ASP A 35 13.72 -22.12 -5.84
N HIS A 36 14.86 -21.45 -5.94
CA HIS A 36 15.19 -20.61 -7.09
C HIS A 36 16.42 -21.16 -7.80
N THR A 37 16.43 -21.04 -9.13
CA THR A 37 17.55 -21.52 -9.92
C THR A 37 18.78 -20.63 -9.70
N GLU A 38 19.92 -21.26 -9.46
CA GLU A 38 21.19 -20.55 -9.36
C GLU A 38 21.85 -20.47 -10.72
N ILE A 39 22.41 -19.30 -11.03
CA ILE A 39 23.25 -19.12 -12.21
C ILE A 39 24.69 -18.99 -11.76
N THR A 40 25.60 -19.52 -12.57
CA THR A 40 27.01 -19.56 -12.23
C THR A 40 27.74 -18.34 -12.77
N THR A 41 28.89 -18.04 -12.15
CA THR A 41 29.73 -16.93 -12.59
C THR A 41 30.11 -17.09 -14.06
N ASP A 42 30.38 -18.32 -14.48
CA ASP A 42 30.73 -18.56 -15.88
C ASP A 42 29.55 -18.29 -16.80
N SER A 43 28.35 -18.71 -16.40
CA SER A 43 27.17 -18.48 -17.24
C SER A 43 26.82 -16.99 -17.30
N LEU A 44 26.96 -16.28 -16.18
CA LEU A 44 26.57 -14.87 -16.14
C LEU A 44 27.49 -14.04 -17.02
N LEU A 45 28.80 -14.26 -16.91
CA LEU A 45 29.76 -13.58 -17.78
C LEU A 45 29.37 -13.71 -19.24
N ALA A 46 28.91 -14.89 -19.65
CA ALA A 46 28.55 -15.13 -21.04
C ALA A 46 27.30 -14.38 -21.47
N LEU A 47 26.55 -13.79 -20.54
CA LEU A 47 25.27 -13.16 -20.85
C LEU A 47 25.29 -11.65 -20.65
N LEU A 48 26.45 -11.05 -20.40
CA LEU A 48 26.48 -9.64 -20.05
C LEU A 48 25.97 -8.75 -21.18
N GLY A 49 26.16 -9.18 -22.42
CA GLY A 49 25.68 -8.41 -23.56
C GLY A 49 24.29 -8.75 -24.04
N SER A 50 23.62 -9.72 -23.42
CA SER A 50 22.31 -10.17 -23.91
C SER A 50 21.22 -9.15 -23.58
N GLU A 51 20.38 -8.88 -24.57
CA GLU A 51 19.28 -7.95 -24.40
C GLU A 51 18.07 -8.58 -23.73
N LYS A 52 18.00 -9.90 -23.69
CA LYS A 52 16.90 -10.58 -23.03
C LYS A 52 17.20 -10.92 -21.57
N VAL A 53 18.39 -10.59 -21.10
CA VAL A 53 18.78 -10.81 -19.71
C VAL A 53 18.74 -9.47 -18.99
N LYS A 54 18.15 -9.45 -17.81
CA LYS A 54 18.12 -8.27 -16.95
C LYS A 54 18.81 -8.64 -15.65
N ILE A 55 19.97 -8.04 -15.40
CA ILE A 55 20.71 -8.28 -14.16
C ILE A 55 20.30 -7.22 -13.16
N ILE A 56 19.89 -7.66 -11.96
CA ILE A 56 19.22 -6.78 -11.02
C ILE A 56 19.93 -6.85 -9.66
N ASP A 57 20.41 -5.70 -9.20
CA ASP A 57 21.18 -5.54 -7.97
C ASP A 57 20.20 -5.16 -6.86
N VAL A 58 20.03 -6.04 -5.88
CA VAL A 58 19.01 -5.84 -4.85
C VAL A 58 19.58 -5.20 -3.59
N ARG A 59 20.84 -4.79 -3.63
CA ARG A 59 21.43 -4.10 -2.49
C ARG A 59 20.96 -2.65 -2.45
N SER A 60 21.40 -1.91 -1.45
CA SER A 60 21.02 -0.49 -1.35
C SER A 60 21.56 0.27 -2.55
N ALA A 61 20.88 1.36 -2.90
CA ALA A 61 21.33 2.19 -4.00
C ALA A 61 22.73 2.75 -3.75
N ASP A 62 23.10 2.95 -2.48
CA ASP A 62 24.43 3.46 -2.18
C ASP A 62 25.51 2.43 -2.48
N ALA A 63 25.27 1.17 -2.14
CA ALA A 63 26.22 0.12 -2.52
C ALA A 63 26.30 0.00 -4.04
N TYR A 64 25.15 0.06 -4.73
CA TYR A 64 25.13 0.05 -6.18
C TYR A 64 25.99 1.16 -6.77
N ASN A 65 25.93 2.35 -6.17
CA ASN A 65 26.67 3.51 -6.69
C ASN A 65 28.17 3.36 -6.49
N GLY A 66 28.63 2.52 -5.57
CA GLY A 66 30.05 2.32 -5.40
C GLY A 66 30.49 2.13 -3.96
N TRP A 67 29.63 2.45 -3.00
CA TRP A 67 29.99 2.35 -1.59
C TRP A 67 30.29 0.90 -1.21
N ARG A 68 31.41 0.70 -0.54
CA ARG A 68 31.89 -0.63 -0.18
C ARG A 68 31.32 -1.01 1.18
N MET A 69 30.02 -1.31 1.18
CA MET A 69 29.26 -1.46 2.42
C MET A 69 29.61 -2.73 3.19
N ARG A 70 30.28 -3.70 2.57
CA ARG A 70 30.77 -4.89 3.25
C ARG A 70 32.30 -4.92 3.31
N GLY A 71 32.95 -3.79 3.06
CA GLY A 71 34.39 -3.75 3.04
C GLY A 71 35.02 -4.31 1.78
N GLU A 72 34.24 -4.56 0.74
CA GLU A 72 34.79 -5.09 -0.50
C GLU A 72 35.82 -4.13 -1.07
N VAL A 73 36.79 -4.68 -1.80
CA VAL A 73 37.84 -3.85 -2.40
C VAL A 73 37.29 -3.09 -3.60
N ARG A 74 36.47 -3.74 -4.42
CA ARG A 74 35.85 -3.11 -5.57
C ARG A 74 34.36 -2.95 -5.30
N GLY A 75 33.89 -1.72 -5.21
CA GLY A 75 32.48 -1.44 -5.05
C GLY A 75 31.79 -1.14 -6.37
N GLY A 76 30.47 -1.04 -6.29
CA GLY A 76 29.65 -0.85 -7.46
C GLY A 76 28.85 -2.08 -7.82
N HIS A 77 28.44 -2.14 -9.08
CA HIS A 77 27.55 -3.18 -9.56
C HIS A 77 28.16 -3.91 -10.74
N ILE A 78 27.61 -5.09 -11.04
CA ILE A 78 27.96 -5.78 -12.28
C ILE A 78 27.63 -4.87 -13.45
N LYS A 79 28.56 -4.78 -14.40
CA LYS A 79 28.35 -3.92 -15.56
C LYS A 79 27.06 -4.30 -16.28
N GLY A 80 26.19 -3.31 -16.48
CA GLY A 80 24.89 -3.54 -17.07
C GLY A 80 23.76 -3.80 -16.09
N ALA A 81 24.06 -3.95 -14.80
CA ALA A 81 23.02 -4.24 -13.83
C ALA A 81 22.13 -3.03 -13.58
N LYS A 82 20.88 -3.31 -13.26
CA LYS A 82 19.91 -2.33 -12.81
C LYS A 82 19.82 -2.36 -11.29
N SER A 83 19.38 -1.25 -10.70
CA SER A 83 19.24 -1.12 -9.26
C SER A 83 17.79 -1.34 -8.87
N LEU A 84 17.54 -2.32 -8.00
CA LEU A 84 16.21 -2.57 -7.44
C LEU A 84 16.38 -2.99 -5.99
N PRO A 85 16.65 -2.03 -5.10
CA PRO A 85 16.87 -2.37 -3.69
C PRO A 85 15.73 -3.19 -3.11
N ALA A 86 16.10 -4.28 -2.43
CA ALA A 86 15.11 -5.11 -1.75
C ALA A 86 14.35 -4.33 -0.70
N LYS A 87 14.91 -3.20 -0.25
CA LYS A 87 14.19 -2.26 0.61
C LYS A 87 12.82 -1.88 0.03
N TRP A 88 12.72 -1.80 -1.30
CA TRP A 88 11.49 -1.35 -1.94
C TRP A 88 10.40 -2.42 -2.01
N LEU A 89 10.64 -3.62 -1.47
CA LEU A 89 9.66 -4.69 -1.58
C LEU A 89 8.37 -4.38 -0.83
N THR A 90 8.42 -3.53 0.19
CA THR A 90 7.23 -3.12 0.93
C THR A 90 6.46 -1.98 0.25
N ASP A 91 7.01 -1.40 -0.79
CA ASP A 91 6.31 -0.36 -1.55
C ASP A 91 5.16 -0.99 -2.32
N PRO A 92 3.91 -0.60 -2.08
CA PRO A 92 2.79 -1.18 -2.84
C PRO A 92 2.88 -0.93 -4.33
N GLU A 93 3.65 0.05 -4.77
CA GLU A 93 3.86 0.30 -6.19
C GLU A 93 5.10 -0.41 -6.73
N TRP A 94 5.61 -1.41 -6.01
CA TRP A 94 6.81 -2.13 -6.42
C TRP A 94 6.69 -2.65 -7.86
N LEU A 95 5.54 -3.23 -8.19
CA LEU A 95 5.36 -3.80 -9.53
C LEU A 95 5.37 -2.72 -10.61
N ASN A 96 4.88 -1.52 -10.29
CA ASN A 96 4.93 -0.43 -11.26
C ASN A 96 6.34 0.12 -11.38
N ILE A 97 7.12 0.09 -10.30
CA ILE A 97 8.53 0.45 -10.39
C ILE A 97 9.26 -0.48 -11.35
N VAL A 98 8.96 -1.78 -11.27
CA VAL A 98 9.61 -2.76 -12.13
C VAL A 98 9.28 -2.50 -13.59
N ARG A 99 8.00 -2.26 -13.88
CA ARG A 99 7.58 -2.00 -15.26
C ARG A 99 8.11 -0.66 -15.75
N PHE A 100 8.09 0.37 -14.90
CA PHE A 100 8.70 1.65 -15.27
C PHE A 100 10.17 1.48 -15.63
N LYS A 101 10.86 0.52 -15.02
CA LYS A 101 12.23 0.19 -15.37
C LYS A 101 12.35 -0.73 -16.58
N GLN A 102 11.23 -1.09 -17.22
CA GLN A 102 11.21 -1.87 -18.45
C GLN A 102 11.67 -3.32 -18.24
N ILE A 103 11.47 -3.84 -17.03
CA ILE A 103 11.76 -5.24 -16.73
C ILE A 103 10.50 -6.04 -17.03
N ARG A 104 10.56 -6.88 -18.06
CA ARG A 104 9.39 -7.52 -18.65
C ARG A 104 9.35 -9.01 -18.32
N PRO A 105 8.15 -9.61 -18.27
CA PRO A 105 8.06 -11.05 -17.96
C PRO A 105 8.80 -11.94 -18.96
N GLU A 106 8.96 -11.49 -20.20
CA GLU A 106 9.72 -12.24 -21.18
C GLU A 106 11.21 -12.27 -20.86
N ASP A 107 11.71 -11.28 -20.12
CA ASP A 107 13.14 -11.20 -19.82
C ASP A 107 13.59 -12.36 -18.96
N ALA A 108 14.86 -12.72 -19.07
CA ALA A 108 15.51 -13.63 -18.14
C ALA A 108 16.11 -12.79 -17.02
N ILE A 109 15.56 -12.92 -15.81
CA ILE A 109 15.93 -12.08 -14.68
C ILE A 109 17.00 -12.78 -13.86
N VAL A 110 18.10 -12.07 -13.60
CA VAL A 110 19.20 -12.56 -12.77
C VAL A 110 19.38 -11.60 -11.61
N LEU A 111 19.16 -12.09 -10.40
CA LEU A 111 19.27 -11.28 -9.20
C LEU A 111 20.58 -11.58 -8.47
N TYR A 112 21.11 -10.55 -7.82
CA TYR A 112 22.26 -10.73 -6.95
C TYR A 112 22.22 -9.67 -5.86
N GLY A 113 22.78 -10.03 -4.71
CA GLY A 113 22.94 -9.11 -3.61
C GLY A 113 24.31 -9.29 -3.02
N TYR A 114 24.51 -8.83 -1.79
CA TYR A 114 25.73 -9.19 -1.09
C TYR A 114 25.78 -10.69 -0.83
N THR A 115 24.62 -11.30 -0.64
CA THR A 115 24.46 -12.73 -0.47
C THR A 115 23.27 -13.17 -1.32
N PRO A 116 23.23 -14.45 -1.71
CA PRO A 116 22.03 -14.95 -2.41
C PRO A 116 20.76 -14.89 -1.56
N GLU A 117 20.89 -14.82 -0.23
CA GLU A 117 19.70 -14.70 0.62
C GLU A 117 19.05 -13.33 0.51
N GLU A 118 19.84 -12.30 0.18
CA GLU A 118 19.28 -10.99 -0.09
C GLU A 118 18.24 -11.04 -1.21
N CYS A 119 18.45 -11.93 -2.18
CA CYS A 119 17.62 -12.00 -3.38
C CYS A 119 16.44 -12.94 -3.24
N GLU A 120 16.36 -13.69 -2.13
CA GLU A 120 15.31 -14.69 -1.98
C GLU A 120 13.93 -14.06 -2.07
N GLN A 121 13.69 -13.00 -1.30
CA GLN A 121 12.37 -12.37 -1.29
C GLN A 121 12.07 -11.67 -2.61
N THR A 122 13.08 -11.05 -3.23
CA THR A 122 12.87 -10.43 -4.53
C THR A 122 12.53 -11.47 -5.58
N ALA A 123 13.26 -12.59 -5.58
CA ALA A 123 12.98 -13.67 -6.53
C ALA A 123 11.55 -14.18 -6.39
N THR A 124 11.13 -14.44 -5.15
CA THR A 124 9.76 -14.87 -4.92
C THR A 124 8.76 -13.84 -5.44
N ARG A 125 9.00 -12.55 -5.17
CA ARG A 125 8.09 -11.51 -5.61
C ARG A 125 7.95 -11.48 -7.13
N PHE A 126 9.06 -11.64 -7.86
CA PHE A 126 8.99 -11.65 -9.32
C PHE A 126 8.14 -12.82 -9.81
N LYS A 127 8.34 -14.01 -9.23
CA LYS A 127 7.58 -15.18 -9.67
C LYS A 127 6.10 -15.03 -9.33
N GLU A 128 5.79 -14.42 -8.19
CA GLU A 128 4.40 -14.19 -7.81
C GLU A 128 3.68 -13.26 -8.76
N ASN A 129 4.40 -12.55 -9.62
CA ASN A 129 3.80 -11.56 -10.50
C ASN A 129 3.99 -11.88 -11.97
N GLY A 130 4.23 -13.15 -12.30
CA GLY A 130 4.24 -13.58 -13.68
C GLY A 130 5.61 -13.70 -14.32
N TYR A 131 6.68 -13.37 -13.59
CA TYR A 131 8.04 -13.50 -14.13
C TYR A 131 8.53 -14.91 -13.83
N ASN A 132 8.61 -15.75 -14.87
CA ASN A 132 8.88 -17.17 -14.69
C ASN A 132 10.34 -17.55 -14.94
N ASN A 133 11.14 -16.69 -15.57
CA ASN A 133 12.56 -16.95 -15.81
C ASN A 133 13.35 -16.09 -14.84
N VAL A 134 13.60 -16.62 -13.65
CA VAL A 134 14.26 -15.89 -12.57
C VAL A 134 15.37 -16.75 -12.03
N SER A 135 16.57 -16.19 -11.93
CA SER A 135 17.73 -16.87 -11.37
C SER A 135 18.38 -15.98 -10.32
N VAL A 136 19.17 -16.59 -9.44
CA VAL A 136 19.95 -15.86 -8.45
C VAL A 136 21.42 -16.18 -8.64
N PHE A 137 22.25 -15.14 -8.67
CA PHE A 137 23.70 -15.27 -8.74
C PHE A 137 24.25 -15.17 -7.31
N HIS A 138 24.77 -16.28 -6.80
CA HIS A 138 25.19 -16.37 -5.41
C HIS A 138 26.55 -15.73 -5.15
N ARG A 139 27.37 -15.57 -6.17
CA ARG A 139 28.77 -15.26 -5.96
C ARG A 139 29.15 -13.86 -6.42
N PHE A 140 28.36 -12.85 -6.07
CA PHE A 140 28.76 -11.48 -6.37
C PHE A 140 29.90 -11.04 -5.47
N HIS A 141 29.74 -11.20 -4.16
CA HIS A 141 30.77 -10.90 -3.20
C HIS A 141 31.12 -12.19 -2.45
N PRO A 142 32.40 -12.62 -2.44
CA PRO A 142 33.52 -11.90 -3.01
C PRO A 142 34.00 -12.39 -4.39
N ASP A 143 33.25 -13.26 -5.05
CA ASP A 143 33.76 -13.85 -6.29
C ASP A 143 33.83 -12.82 -7.43
N TRP A 144 32.74 -12.09 -7.66
CA TRP A 144 32.75 -11.11 -8.74
C TRP A 144 33.53 -9.86 -8.35
N THR A 145 33.34 -9.35 -7.13
CA THR A 145 34.04 -8.14 -6.71
C THR A 145 35.55 -8.37 -6.58
N GLY A 146 35.96 -9.58 -6.25
CA GLY A 146 37.35 -9.87 -5.95
C GLY A 146 38.19 -10.38 -7.11
N ASN A 147 37.72 -10.25 -8.34
CA ASN A 147 38.51 -10.64 -9.51
C ASN A 147 38.36 -9.55 -10.58
N ASP A 148 39.48 -8.95 -10.98
CA ASP A 148 39.45 -7.80 -11.87
C ASP A 148 39.00 -8.14 -13.28
N ALA A 149 38.91 -9.43 -13.64
CA ALA A 149 38.42 -9.80 -14.96
C ALA A 149 36.91 -9.63 -15.09
N PHE A 150 36.19 -9.63 -13.98
CA PHE A 150 34.74 -9.47 -14.01
C PHE A 150 34.39 -7.98 -14.05
N PRO A 151 33.78 -7.49 -15.13
CA PRO A 151 33.58 -6.04 -15.26
C PRO A 151 32.53 -5.50 -14.29
N MET A 152 32.86 -4.37 -13.68
CA MET A 152 31.97 -3.68 -12.77
C MET A 152 31.88 -2.22 -13.19
N ASP A 153 30.87 -1.54 -12.66
CA ASP A 153 30.64 -0.13 -12.92
C ASP A 153 30.28 0.55 -11.61
N ARG A 154 30.43 1.87 -11.58
CA ARG A 154 30.10 2.62 -10.38
C ARG A 154 29.91 4.07 -10.74
N LEU A 155 29.16 4.77 -9.90
CA LEU A 155 29.03 6.22 -10.01
C LEU A 155 30.37 6.85 -9.66
N GLU A 156 30.91 7.64 -10.59
CA GLU A 156 32.33 7.98 -10.51
C GLU A 156 32.66 8.78 -9.26
N GLN A 157 31.79 9.71 -8.86
CA GLN A 157 32.05 10.49 -7.65
C GLN A 157 31.09 10.09 -6.54
N TYR A 158 30.92 8.77 -6.34
CA TYR A 158 29.89 8.28 -5.44
C TYR A 158 30.11 8.76 -4.01
N ASN A 159 31.36 9.05 -3.63
CA ASN A 159 31.61 9.37 -2.23
C ASN A 159 31.05 10.73 -1.81
N ARG A 160 30.57 11.53 -2.76
CA ARG A 160 29.89 12.77 -2.40
C ARG A 160 28.42 12.55 -2.06
N LEU A 161 27.89 11.36 -2.33
CA LEU A 161 26.51 11.00 -2.04
C LEU A 161 26.56 9.89 -0.99
N VAL A 162 26.40 10.26 0.27
CA VAL A 162 26.75 9.35 1.37
C VAL A 162 25.53 8.59 1.87
N PRO A 163 25.69 7.35 2.30
CA PRO A 163 24.58 6.64 2.96
C PRO A 163 24.44 7.04 4.42
N ALA A 164 23.28 6.71 4.99
CA ALA A 164 23.00 7.05 6.38
C ALA A 164 24.03 6.45 7.33
N GLU A 165 24.49 5.23 7.02
CA GLU A 165 25.47 4.57 7.89
C GLU A 165 26.79 5.32 7.93
N TRP A 166 27.17 5.95 6.83
CA TRP A 166 28.39 6.76 6.82
C TRP A 166 28.24 8.00 7.70
N VAL A 167 27.08 8.67 7.61
CA VAL A 167 26.82 9.79 8.50
C VAL A 167 26.84 9.33 9.94
N ASN A 168 26.28 8.14 10.21
CA ASN A 168 26.24 7.65 11.58
C ASN A 168 27.66 7.42 12.10
N GLY A 169 28.51 6.76 11.31
CA GLY A 169 29.88 6.57 11.73
C GLY A 169 30.63 7.87 11.92
N LEU A 170 30.37 8.85 11.05
CA LEU A 170 31.01 10.15 11.16
C LEU A 170 30.67 10.83 12.48
N ILE A 171 29.38 10.95 12.80
CA ILE A 171 28.99 11.63 14.02
C ILE A 171 29.34 10.81 15.25
N SER A 172 29.53 9.51 15.11
CA SER A 172 29.89 8.64 16.21
C SER A 172 31.40 8.55 16.41
N GLY A 173 32.19 9.23 15.57
CA GLY A 173 33.63 9.18 15.67
C GLY A 173 34.28 7.93 15.13
N GLU A 174 33.51 7.01 14.55
CA GLU A 174 34.06 5.76 14.05
C GLU A 174 34.94 6.00 12.83
N GLU A 175 35.68 4.95 12.46
CA GLU A 175 36.48 4.97 11.25
C GLU A 175 35.59 4.64 10.07
N ILE A 176 35.49 5.54 9.10
CA ILE A 176 34.61 5.38 7.96
C ILE A 176 35.43 5.48 6.68
N PRO A 177 35.03 4.82 5.59
CA PRO A 177 35.71 5.03 4.31
C PRO A 177 35.40 6.41 3.75
N GLU A 178 36.15 6.77 2.73
CA GLU A 178 35.97 8.06 2.01
C GLU A 178 35.91 9.20 3.01
N TYR A 179 36.82 9.23 3.96
CA TYR A 179 36.84 10.33 4.95
C TYR A 179 38.24 10.44 5.55
N ASP A 180 38.94 11.50 5.21
CA ASP A 180 40.30 11.71 5.72
C ASP A 180 40.40 13.02 6.50
N ASN A 181 39.30 13.55 7.00
CA ASN A 181 39.32 14.90 7.63
C ASN A 181 39.14 14.80 9.14
N ASP A 182 39.35 15.91 9.83
CA ASP A 182 39.16 15.99 11.28
C ASP A 182 38.11 17.02 11.68
N THR A 183 37.51 17.72 10.72
CA THR A 183 36.48 18.72 11.00
C THR A 183 35.30 18.45 10.09
N PHE A 184 34.11 18.33 10.68
CA PHE A 184 32.90 18.10 9.91
C PHE A 184 31.73 18.84 10.57
N ILE A 185 30.65 18.96 9.82
CA ILE A 185 29.41 19.53 10.32
C ILE A 185 28.25 18.92 9.54
N VAL A 186 27.23 18.48 10.25
CA VAL A 186 26.00 17.99 9.64
C VAL A 186 25.01 19.14 9.66
N CYS A 187 24.53 19.53 8.49
CA CYS A 187 23.68 20.70 8.33
CA CYS A 187 23.68 20.70 8.32
C CYS A 187 22.31 20.27 7.82
N HIS A 188 21.27 20.60 8.57
CA HIS A 188 19.89 20.33 8.20
C HIS A 188 19.35 21.56 7.47
N ALA A 189 19.10 21.43 6.18
CA ALA A 189 18.67 22.57 5.37
C ALA A 189 17.16 22.70 5.36
N HIS A 190 16.70 23.95 5.30
CA HIS A 190 15.27 24.25 5.21
C HIS A 190 15.12 25.67 4.68
N TYR A 191 13.92 25.97 4.19
CA TYR A 191 13.57 27.30 3.73
C TYR A 191 12.57 27.89 4.73
N ARG A 192 13.02 28.90 5.48
CA ARG A 192 12.23 29.62 6.48
C ARG A 192 11.27 28.71 7.24
N ASN A 193 11.81 27.60 7.75
CA ASN A 193 10.99 26.59 8.41
C ASN A 193 11.86 25.82 9.40
N ARG A 194 12.24 26.49 10.49
CA ARG A 194 13.03 25.84 11.53
C ARG A 194 12.28 24.66 12.14
N ASP A 195 10.96 24.61 12.02
CA ASP A 195 10.24 23.46 12.55
C ASP A 195 10.62 22.17 11.83
N ALA A 196 10.98 22.24 10.54
CA ALA A 196 11.48 21.06 9.83
C ALA A 196 12.67 20.45 10.56
N TYR A 197 13.50 21.28 11.18
CA TYR A 197 14.64 20.80 11.95
C TYR A 197 14.25 20.47 13.39
N LEU A 198 13.46 21.34 14.02
CA LEU A 198 13.12 21.15 15.43
C LEU A 198 12.21 19.95 15.64
N SER A 199 11.38 19.61 14.67
CA SER A 199 10.54 18.42 14.76
C SER A 199 11.32 17.12 14.71
N GLY A 200 12.63 17.17 14.47
CA GLY A 200 13.41 15.96 14.41
C GLY A 200 14.56 16.06 13.41
N HIS A 201 15.78 15.87 13.90
CA HIS A 201 16.97 16.02 13.07
C HIS A 201 18.00 14.98 13.46
N ILE A 202 19.05 14.90 12.66
CA ILE A 202 20.18 14.00 12.93
C ILE A 202 20.93 14.51 14.16
N PRO A 203 21.25 13.65 15.13
CA PRO A 203 21.86 14.15 16.38
C PRO A 203 23.11 14.98 16.13
N GLY A 204 23.18 16.13 16.79
CA GLY A 204 24.32 17.02 16.67
C GLY A 204 24.22 18.02 15.54
N ALA A 205 23.34 17.79 14.56
CA ALA A 205 23.25 18.66 13.41
C ALA A 205 22.69 20.02 13.79
N THR A 206 23.10 21.02 13.04
CA THR A 206 22.62 22.41 13.15
C THR A 206 21.76 22.70 11.92
N ASP A 207 20.88 23.68 12.00
CA ASP A 207 19.99 24.00 10.85
C ASP A 207 20.55 25.17 10.04
N MET A 208 20.38 25.11 8.74
CA MET A 208 20.75 26.25 7.89
C MET A 208 19.54 26.60 7.05
N ASP A 209 18.98 27.76 7.28
CA ASP A 209 17.90 28.30 6.45
C ASP A 209 18.54 28.61 5.12
N THR A 210 17.89 28.31 4.01
CA THR A 210 18.45 28.63 2.67
C THR A 210 18.59 30.14 2.47
N LEU A 211 17.76 30.96 3.12
CA LEU A 211 17.88 32.42 3.10
C LEU A 211 19.28 32.84 3.57
N ALA A 212 20.04 31.98 4.24
CA ALA A 212 21.38 32.41 4.65
C ALA A 212 22.33 32.53 3.46
N LEU A 213 22.15 31.73 2.42
CA LEU A 213 23.07 31.71 1.29
C LEU A 213 22.47 32.27 0.00
N GLU A 214 21.15 32.45 -0.08
CA GLU A 214 20.54 33.06 -1.26
C GLU A 214 19.65 34.22 -0.84
N SER A 215 19.56 35.20 -1.74
CA SER A 215 18.92 36.49 -1.50
C SER A 215 17.44 36.42 -1.89
N PRO A 216 16.53 36.90 -1.04
CA PRO A 216 15.11 36.93 -1.43
C PRO A 216 14.77 37.96 -2.49
N GLU A 217 15.72 38.83 -2.87
CA GLU A 217 15.44 39.77 -3.95
C GLU A 217 15.59 39.10 -5.31
N THR A 218 16.68 38.37 -5.51
CA THR A 218 16.98 37.73 -6.78
C THR A 218 16.78 36.22 -6.77
N TRP A 219 16.69 35.61 -5.59
CA TRP A 219 16.76 34.16 -5.39
C TRP A 219 18.00 33.55 -6.04
N ASN A 220 19.03 34.36 -6.21
CA ASN A 220 20.37 33.91 -6.56
C ASN A 220 21.22 33.82 -5.32
N ARG A 221 22.35 33.11 -5.46
CA ARG A 221 23.35 33.07 -4.39
C ARG A 221 23.70 34.48 -3.94
N ARG A 222 24.05 34.61 -2.66
CA ARG A 222 24.43 35.90 -2.12
C ARG A 222 25.85 36.27 -2.58
N THR A 223 26.22 37.53 -2.32
CA THR A 223 27.55 38.03 -2.66
C THR A 223 28.62 37.28 -1.88
N PRO A 224 29.86 37.29 -2.39
CA PRO A 224 30.94 36.61 -1.64
C PRO A 224 31.12 37.11 -0.22
N GLU A 225 30.95 38.42 0.00
CA GLU A 225 31.09 38.95 1.35
C GLU A 225 30.02 38.39 2.27
N GLU A 226 28.78 38.31 1.79
CA GLU A 226 27.71 37.71 2.59
C GLU A 226 27.95 36.22 2.79
N LEU A 227 28.37 35.51 1.73
CA LEU A 227 28.60 34.08 1.84
C LEU A 227 29.66 33.76 2.88
N LYS A 228 30.74 34.55 2.89
CA LYS A 228 31.81 34.35 3.87
C LYS A 228 31.27 34.48 5.29
N LYS A 229 30.48 35.53 5.54
CA LYS A 229 29.95 35.73 6.90
C LYS A 229 28.94 34.66 7.27
N ALA A 230 28.06 34.28 6.33
CA ALA A 230 27.05 33.27 6.62
C ALA A 230 27.70 31.93 6.95
N LEU A 231 28.74 31.55 6.21
CA LEU A 231 29.40 30.28 6.47
C LEU A 231 30.17 30.31 7.78
N GLU A 232 30.90 31.40 8.05
CA GLU A 232 31.61 31.53 9.32
C GLU A 232 30.64 31.45 10.49
N GLU A 233 29.47 32.07 10.36
CA GLU A 233 28.52 32.10 11.46
C GLU A 233 27.82 30.76 11.66
N HIS A 234 27.80 29.89 10.66
CA HIS A 234 27.27 28.55 10.84
C HIS A 234 28.35 27.55 11.21
N GLY A 235 29.60 27.99 11.35
CA GLY A 235 30.67 27.13 11.80
C GLY A 235 31.38 26.37 10.71
N ILE A 236 31.42 26.91 9.50
CA ILE A 236 31.94 26.21 8.33
C ILE A 236 33.17 26.94 7.82
N THR A 237 34.28 26.21 7.68
CA THR A 237 35.44 26.69 6.95
C THR A 237 35.54 25.97 5.61
N ALA A 238 36.48 26.43 4.78
CA ALA A 238 36.72 25.82 3.48
C ALA A 238 37.24 24.39 3.59
N SER A 239 37.86 24.04 4.72
CA SER A 239 38.39 22.70 4.93
C SER A 239 37.51 21.88 5.86
N THR A 240 36.30 22.34 6.15
CA THR A 240 35.33 21.56 6.91
C THR A 240 34.58 20.63 5.95
N THR A 241 34.38 19.38 6.36
CA THR A 241 33.50 18.46 5.64
C THR A 241 32.07 18.77 6.03
N VAL A 242 31.28 19.27 5.08
CA VAL A 242 29.90 19.65 5.32
C VAL A 242 29.00 18.53 4.80
N VAL A 243 28.13 18.02 5.67
CA VAL A 243 27.17 16.98 5.31
C VAL A 243 25.78 17.60 5.32
N LEU A 244 25.18 17.76 4.14
CA LEU A 244 23.90 18.42 4.01
C LEU A 244 22.77 17.42 3.77
N TYR A 245 21.65 17.65 4.43
CA TYR A 245 20.43 16.91 4.16
C TYR A 245 19.23 17.81 4.45
N GLY A 246 18.07 17.41 3.93
CA GLY A 246 16.83 18.10 4.23
C GLY A 246 15.73 17.11 4.49
N LYS A 247 14.57 17.63 4.90
CA LYS A 247 13.42 16.81 5.24
C LYS A 247 12.30 17.09 4.24
N PHE A 248 11.81 16.03 3.60
CA PHE A 248 10.65 16.12 2.72
C PHE A 248 9.37 16.08 3.55
N MET A 249 8.50 17.07 3.36
CA MET A 249 7.29 17.22 4.17
C MET A 249 6.06 17.42 3.30
N HIS A 250 6.04 16.81 2.11
CA HIS A 250 4.94 16.80 1.16
C HIS A 250 4.52 18.21 0.77
N PRO A 251 5.32 18.90 -0.04
CA PRO A 251 4.98 20.27 -0.44
C PRO A 251 3.65 20.33 -1.17
N ASP A 252 2.90 21.40 -0.91
CA ASP A 252 1.57 21.63 -1.44
C ASP A 252 1.58 22.96 -2.19
N ASN A 253 1.10 22.95 -3.44
CA ASN A 253 1.08 24.16 -4.24
C ASN A 253 0.14 25.22 -3.66
N ALA A 254 -0.86 24.79 -2.88
CA ALA A 254 -1.77 25.74 -2.27
C ALA A 254 -1.06 26.63 -1.25
N ASP A 255 -0.03 26.11 -0.59
CA ASP A 255 0.62 26.84 0.49
C ASP A 255 1.39 28.04 -0.04
N GLU A 256 1.56 29.04 0.82
CA GLU A 256 2.28 30.25 0.43
C GLU A 256 3.76 29.98 0.21
N PHE A 257 4.33 29.01 0.91
CA PHE A 257 5.75 28.66 0.79
C PHE A 257 5.90 27.14 0.69
N PRO A 258 5.60 26.56 -0.48
CA PRO A 258 5.79 25.11 -0.63
C PRO A 258 7.23 24.67 -0.47
N GLY A 259 8.21 25.55 -0.73
CA GLY A 259 9.60 25.18 -0.58
C GLY A 259 10.00 24.85 0.84
N SER A 260 9.22 25.32 1.82
CA SER A 260 9.46 24.96 3.21
C SER A 260 9.27 23.46 3.47
N ALA A 261 8.55 22.77 2.58
CA ALA A 261 8.36 21.33 2.68
C ALA A 261 9.29 20.53 1.77
N ALA A 262 10.10 21.19 0.94
CA ALA A 262 11.00 20.49 0.04
C ALA A 262 12.44 20.63 0.53
N GLY A 263 12.72 20.12 1.72
CA GLY A 263 13.97 20.43 2.38
C GLY A 263 15.18 19.79 1.75
N HIS A 264 15.02 18.63 1.10
CA HIS A 264 16.22 17.99 0.56
C HIS A 264 16.63 18.58 -0.79
N ILE A 265 15.69 19.08 -1.59
CA ILE A 265 16.07 19.90 -2.72
C ILE A 265 16.88 21.10 -2.23
N GLY A 266 16.37 21.77 -1.19
CA GLY A 266 17.07 22.90 -0.62
C GLY A 266 18.46 22.53 -0.13
N ALA A 267 18.60 21.32 0.44
CA ALA A 267 19.90 20.85 0.85
C ALA A 267 20.86 20.77 -0.34
N ILE A 268 20.40 20.19 -1.45
CA ILE A 268 21.27 20.07 -2.61
C ILE A 268 21.52 21.45 -3.22
N ARG A 269 20.55 22.36 -3.12
CA ARG A 269 20.78 23.74 -3.52
C ARG A 269 21.92 24.36 -2.72
N LEU A 270 21.94 24.12 -1.39
CA LEU A 270 23.00 24.68 -0.57
C LEU A 270 24.33 23.98 -0.82
N ALA A 271 24.29 22.70 -1.20
CA ALA A 271 25.52 22.02 -1.59
C ALA A 271 26.13 22.70 -2.81
N PHE A 272 25.30 23.09 -3.78
CA PHE A 272 25.80 23.81 -4.93
C PHE A 272 26.47 25.11 -4.53
N ILE A 273 25.81 25.89 -3.67
CA ILE A 273 26.34 27.20 -3.32
C ILE A 273 27.63 27.06 -2.52
N MET A 274 27.70 26.08 -1.62
CA MET A 274 28.91 25.90 -0.83
C MET A 274 30.08 25.44 -1.69
N MET A 275 29.83 24.51 -2.62
CA MET A 275 30.91 24.08 -3.52
C MET A 275 31.36 25.22 -4.43
N TYR A 276 30.41 26.03 -4.90
CA TYR A 276 30.77 27.24 -5.64
C TYR A 276 31.60 28.19 -4.78
N ALA A 277 31.22 28.37 -3.52
CA ALA A 277 31.93 29.28 -2.64
C ALA A 277 33.36 28.81 -2.41
N GLY A 278 33.56 27.51 -2.18
CA GLY A 278 34.91 26.99 -2.01
C GLY A 278 35.06 25.97 -0.90
N VAL A 279 33.94 25.49 -0.34
CA VAL A 279 34.00 24.37 0.59
C VAL A 279 34.43 23.13 -0.18
N GLU A 280 35.58 22.57 0.18
CA GLU A 280 36.21 21.54 -0.64
C GLU A 280 35.53 20.19 -0.52
N ASP A 281 35.01 19.84 0.66
CA ASP A 281 34.39 18.54 0.88
C ASP A 281 32.93 18.75 1.30
N VAL A 282 32.03 18.75 0.32
CA VAL A 282 30.59 18.80 0.55
C VAL A 282 30.00 17.44 0.22
N ARG A 283 29.25 16.86 1.16
CA ARG A 283 28.51 15.63 0.93
C ARG A 283 27.01 15.89 1.04
N VAL A 284 26.23 15.04 0.37
CA VAL A 284 24.79 15.04 0.48
C VAL A 284 24.37 13.66 0.96
N LEU A 285 23.53 13.62 1.98
CA LEU A 285 22.96 12.36 2.45
C LEU A 285 21.90 11.89 1.46
N ASN A 286 22.14 10.74 0.82
CA ASN A 286 21.27 10.23 -0.22
C ASN A 286 19.88 9.94 0.33
N GLY A 287 18.87 10.62 -0.21
CA GLY A 287 17.51 10.47 0.26
C GLY A 287 17.12 11.37 1.42
N GLY A 288 18.07 12.14 1.94
CA GLY A 288 17.76 13.10 2.99
C GLY A 288 17.36 12.43 4.30
N TYR A 289 16.48 13.12 5.02
CA TYR A 289 16.11 12.70 6.37
C TYR A 289 15.45 11.33 6.37
N GLN A 290 14.67 11.03 5.34
CA GLN A 290 14.00 9.74 5.28
C GLN A 290 14.98 8.58 5.34
N SER A 291 16.15 8.74 4.70
CA SER A 291 17.17 7.69 4.77
C SER A 291 17.67 7.48 6.19
N TRP A 292 17.77 8.55 6.97
CA TRP A 292 18.22 8.43 8.35
C TRP A 292 17.24 7.61 9.18
N THR A 293 15.95 7.94 9.12
CA THR A 293 14.96 7.21 9.90
C THR A 293 14.67 5.83 9.32
N ASP A 294 14.74 5.69 7.99
CA ASP A 294 14.58 4.37 7.39
C ASP A 294 15.62 3.39 7.93
N ALA A 295 16.83 3.87 8.22
CA ALA A 295 17.88 3.04 8.77
C ALA A 295 17.70 2.75 10.25
N GLY A 296 16.62 3.25 10.87
CA GLY A 296 16.38 3.02 12.27
C GLY A 296 17.28 3.77 13.21
N PHE A 297 17.90 4.85 12.76
CA PHE A 297 18.80 5.61 13.63
C PHE A 297 18.01 6.58 14.51
N ALA A 298 18.60 6.93 15.64
CA ALA A 298 17.97 7.80 16.61
C ALA A 298 18.00 9.25 16.12
N ILE A 299 16.90 9.96 16.34
CA ILE A 299 16.82 11.36 15.97
C ILE A 299 16.82 12.22 17.24
N SER A 300 17.09 13.50 17.05
CA SER A 300 17.13 14.47 18.13
C SER A 300 16.17 15.62 17.84
N LYS A 301 15.73 16.28 18.91
CA LYS A 301 14.92 17.49 18.80
C LYS A 301 15.59 18.69 19.45
N ASP A 302 16.83 18.57 19.91
CA ASP A 302 17.53 19.70 20.49
C ASP A 302 17.70 20.80 19.46
N ASP A 303 17.63 22.05 19.94
CA ASP A 303 18.00 23.21 19.13
C ASP A 303 19.47 23.48 19.37
N VAL A 304 20.30 22.77 18.62
CA VAL A 304 21.76 22.86 18.81
C VAL A 304 22.20 24.28 18.45
N PRO A 305 22.92 24.97 19.33
CA PRO A 305 23.43 26.31 18.99
C PRO A 305 24.62 26.20 18.05
N LYS A 306 24.82 27.26 17.28
CA LYS A 306 25.91 27.28 16.31
C LYS A 306 27.24 27.55 17.00
N THR A 307 28.31 27.01 16.41
CA THR A 307 29.67 27.24 16.89
C THR A 307 30.38 28.02 15.80
N THR A 308 30.43 29.35 15.96
CA THR A 308 31.05 30.22 14.98
C THR A 308 32.52 29.88 14.79
N VAL A 309 33.03 30.16 13.61
CA VAL A 309 34.46 30.01 13.31
C VAL A 309 34.92 31.37 12.81
N PRO A 310 36.13 31.82 13.16
CA PRO A 310 36.49 33.21 12.83
C PRO A 310 36.78 33.46 11.36
N GLU A 311 37.27 32.47 10.63
CA GLU A 311 37.73 32.71 9.25
C GLU A 311 37.34 31.55 8.35
N PHE A 312 36.75 31.87 7.20
CA PHE A 312 36.38 30.84 6.24
C PHE A 312 37.61 30.14 5.68
N GLY A 313 38.67 30.88 5.38
CA GLY A 313 39.95 30.32 5.06
C GLY A 313 40.26 30.13 3.59
N ALA A 314 39.51 30.75 2.69
CA ALA A 314 39.74 30.62 1.27
C ALA A 314 38.98 31.74 0.55
N PRO A 315 39.42 32.12 -0.65
CA PRO A 315 38.69 33.14 -1.40
C PRO A 315 37.35 32.61 -1.91
N ILE A 316 36.36 33.50 -1.94
CA ILE A 316 35.03 33.19 -2.41
C ILE A 316 34.77 34.03 -3.65
N PRO A 317 34.36 33.43 -4.78
CA PRO A 317 34.17 31.98 -4.90
C PRO A 317 35.40 31.25 -5.40
N SER A 318 35.69 30.08 -4.84
CA SER A 318 36.83 29.29 -5.31
C SER A 318 36.52 28.48 -6.57
N ARG A 319 35.23 28.20 -6.84
CA ARG A 319 34.81 27.46 -8.04
C ARG A 319 33.77 28.27 -8.78
N PRO A 320 34.16 29.41 -9.37
CA PRO A 320 33.17 30.22 -10.09
C PRO A 320 32.55 29.51 -11.29
N GLU A 321 33.22 28.49 -11.85
CA GLU A 321 32.70 27.84 -13.04
C GLU A 321 31.40 27.09 -12.77
N PHE A 322 31.10 26.79 -11.50
CA PHE A 322 29.86 26.11 -11.17
C PHE A 322 28.63 26.99 -11.34
N ALA A 323 28.78 28.31 -11.26
CA ALA A 323 27.65 29.23 -11.36
C ALA A 323 27.70 29.97 -12.68
N VAL A 324 26.55 30.03 -13.36
CA VAL A 324 26.41 30.73 -14.63
C VAL A 324 25.33 31.78 -14.46
N ASP A 325 25.60 32.98 -14.97
CA ASP A 325 24.62 34.06 -14.91
C ASP A 325 24.10 34.35 -16.31
N ILE A 326 23.18 35.33 -16.40
CA ILE A 326 22.33 35.42 -17.58
C ILE A 326 23.14 35.79 -18.83
N ASP A 327 24.20 36.59 -18.68
CA ASP A 327 25.00 36.95 -19.85
C ASP A 327 25.70 35.72 -20.43
N GLU A 328 26.36 34.92 -19.57
CA GLU A 328 26.96 33.68 -20.03
C GLU A 328 25.89 32.70 -20.53
N ALA A 329 24.73 32.68 -19.86
CA ALA A 329 23.66 31.79 -20.28
C ALA A 329 23.18 32.12 -21.68
N LYS A 330 23.12 33.40 -22.03
CA LYS A 330 22.74 33.79 -23.38
C LYS A 330 23.82 33.40 -24.39
N GLU A 331 25.08 33.48 -24.00
CA GLU A 331 26.16 33.01 -24.86
C GLU A 331 26.06 31.50 -25.08
N MET A 332 25.79 30.75 -24.01
CA MET A 332 25.67 29.30 -24.13
C MET A 332 24.53 28.87 -25.04
N LEU A 333 23.50 29.69 -25.18
CA LEU A 333 22.42 29.36 -26.11
C LEU A 333 22.88 29.49 -27.56
N GLN A 334 23.77 30.42 -27.84
CA GLN A 334 24.27 30.62 -29.20
C GLN A 334 25.47 29.73 -29.53
N SER A 335 26.00 29.01 -28.54
CA SER A 335 27.19 28.19 -28.73
C SER A 335 26.79 26.76 -29.05
N GLU A 336 27.52 26.14 -29.98
CA GLU A 336 27.32 24.72 -30.27
C GLU A 336 27.87 23.85 -29.17
N ASP A 337 28.94 24.31 -28.52
CA ASP A 337 29.64 23.58 -27.46
C ASP A 337 28.88 23.59 -26.13
N SER A 338 27.76 24.31 -26.03
CA SER A 338 27.09 24.51 -24.75
C SER A 338 25.58 24.45 -24.91
N ASP A 339 24.89 24.22 -23.79
CA ASP A 339 23.44 24.17 -23.75
C ASP A 339 22.93 24.51 -22.36
N LEU A 340 21.76 25.13 -22.32
CA LEU A 340 21.01 25.27 -21.08
C LEU A 340 20.03 24.09 -20.95
N VAL A 341 19.93 23.54 -19.75
CA VAL A 341 19.04 22.42 -19.50
C VAL A 341 17.95 22.82 -18.51
S2 TSY A 342 12.32 27.33 -19.13
S1 TSY A 342 11.85 25.48 -19.78
SG TSY A 342 12.80 24.17 -18.46
CB TSY A 342 14.35 23.82 -19.39
CA TSY A 342 15.43 23.37 -18.38
N TSY A 342 16.67 23.05 -19.12
C TSY A 342 15.05 22.07 -17.56
O TSY A 342 14.33 21.21 -18.07
N VAL A 343 15.13 22.32 -16.15
CA VAL A 343 14.72 21.30 -15.20
C VAL A 343 13.44 21.76 -14.50
N ARG A 344 12.36 21.87 -15.27
CA ARG A 344 11.07 22.31 -14.76
C ARG A 344 10.02 21.28 -15.12
N SER A 345 8.79 21.51 -14.68
CA SER A 345 7.71 20.59 -15.01
C SER A 345 7.19 20.88 -16.41
N TYR A 346 6.40 19.94 -16.92
CA TYR A 346 5.82 20.10 -18.24
C TYR A 346 4.79 21.24 -18.28
N PRO A 347 3.90 21.38 -17.28
CA PRO A 347 2.99 22.53 -17.29
C PRO A 347 3.70 23.86 -17.28
N GLU A 348 4.83 23.97 -16.57
CA GLU A 348 5.64 25.17 -16.66
C GLU A 348 6.23 25.33 -18.05
N TYR A 349 6.73 24.23 -18.62
CA TYR A 349 7.43 24.30 -19.89
C TYR A 349 6.52 24.83 -21.00
N ILE A 350 5.24 24.47 -20.99
CA ILE A 350 4.32 24.91 -22.03
C ILE A 350 3.62 26.20 -21.64
N GLY A 351 4.00 26.80 -20.51
CA GLY A 351 3.40 28.05 -20.09
C GLY A 351 2.02 27.92 -19.52
N GLU A 352 1.64 26.74 -19.03
CA GLU A 352 0.35 26.55 -18.38
C GLU A 352 0.34 27.14 -16.98
N VAL A 353 1.46 27.08 -16.26
CA VAL A 353 1.61 27.68 -14.95
C VAL A 353 2.98 28.34 -14.87
N SER A 354 3.14 29.25 -13.90
CA SER A 354 4.44 29.86 -13.67
C SER A 354 5.35 29.00 -12.81
N GLY A 355 4.80 28.07 -12.03
CA GLY A 355 5.61 27.22 -11.18
C GLY A 355 5.62 27.66 -9.72
N ALA A 356 5.78 28.96 -9.50
CA ALA A 356 5.87 29.52 -8.17
C ALA A 356 4.99 30.76 -8.10
N ASN A 357 4.50 31.07 -6.89
CA ASN A 357 3.53 32.15 -6.77
C ASN A 357 4.16 33.54 -6.80
N TYR A 358 5.49 33.64 -6.79
CA TYR A 358 6.16 34.92 -6.97
C TYR A 358 6.67 35.12 -8.38
N ILE A 359 6.50 34.14 -9.25
CA ILE A 359 6.91 34.24 -10.64
C ILE A 359 5.72 34.77 -11.43
N LYS A 360 5.92 35.87 -12.15
CA LYS A 360 4.82 36.54 -12.83
C LYS A 360 4.52 35.90 -14.18
N LYS A 361 5.52 35.83 -15.06
CA LYS A 361 5.31 35.43 -16.43
C LYS A 361 5.39 33.92 -16.58
N LYS A 362 4.56 33.38 -17.47
CA LYS A 362 4.58 31.96 -17.82
C LYS A 362 5.23 31.79 -19.18
N GLY A 363 6.02 30.73 -19.32
CA GLY A 363 6.69 30.44 -20.56
C GLY A 363 8.02 29.74 -20.31
N ARG A 364 8.83 29.67 -21.36
CA ARG A 364 10.10 28.97 -21.30
C ARG A 364 11.16 29.77 -22.05
N ILE A 365 12.42 29.40 -21.80
CA ILE A 365 13.56 30.01 -22.47
C ILE A 365 13.78 29.33 -23.82
N PRO A 366 13.72 30.07 -24.93
CA PRO A 366 13.88 29.44 -26.24
C PRO A 366 15.29 28.91 -26.45
N GLY A 367 15.39 27.71 -27.00
CA GLY A 367 16.66 27.07 -27.24
C GLY A 367 17.16 26.15 -26.15
N ALA A 368 16.52 26.14 -24.99
CA ALA A 368 16.95 25.25 -23.92
C ALA A 368 16.48 23.82 -24.19
N ILE A 369 17.20 22.86 -23.61
CA ILE A 369 16.84 21.45 -23.70
C ILE A 369 16.02 21.07 -22.48
N PHE A 370 14.83 20.50 -22.72
CA PHE A 370 13.91 20.16 -21.64
C PHE A 370 14.35 18.85 -20.98
N ALA A 371 14.43 18.86 -19.64
CA ALA A 371 14.71 17.66 -18.84
C ALA A 371 13.74 17.67 -17.67
N GLU A 372 12.51 17.21 -17.94
CA GLU A 372 11.37 17.29 -17.03
C GLU A 372 11.74 16.85 -15.62
N CYS A 373 11.55 17.77 -14.66
CA CYS A 373 11.95 17.50 -13.29
C CYS A 373 11.04 16.47 -12.63
N GLY A 374 9.74 16.60 -12.85
CA GLY A 374 8.72 15.90 -12.11
C GLY A 374 7.39 16.63 -12.25
N SER A 375 6.56 16.50 -11.21
CA SER A 375 5.15 16.91 -11.33
C SER A 375 4.96 18.42 -11.25
N ASP A 376 5.77 19.12 -10.46
CA ASP A 376 5.60 20.56 -10.29
C ASP A 376 6.94 21.17 -9.88
N ALA A 377 6.90 22.40 -9.37
CA ALA A 377 8.11 23.13 -9.03
C ALA A 377 8.77 22.67 -7.74
N TYR A 378 8.16 21.73 -7.02
CA TYR A 378 8.68 21.34 -5.71
C TYR A 378 8.90 19.83 -5.58
N HIS A 379 8.86 19.08 -6.68
CA HIS A 379 9.08 17.64 -6.70
C HIS A 379 10.07 17.29 -7.81
N MET A 380 10.79 16.20 -7.60
CA MET A 380 11.83 15.73 -8.52
C MET A 380 11.64 14.27 -8.87
N GLU A 381 10.39 13.86 -9.19
CA GLU A 381 10.08 12.45 -9.37
C GLU A 381 10.94 11.79 -10.45
N ASN A 382 11.26 12.54 -11.52
CA ASN A 382 12.06 11.98 -12.61
C ASN A 382 13.53 11.84 -12.26
N TYR A 383 13.98 12.37 -11.12
CA TYR A 383 15.37 12.24 -10.70
C TYR A 383 15.50 11.49 -9.39
N ARG A 384 14.41 10.93 -8.87
CA ARG A 384 14.38 10.36 -7.53
C ARG A 384 13.62 9.06 -7.53
N ASN A 385 13.98 8.18 -6.60
CA ASN A 385 13.19 7.03 -6.25
C ASN A 385 12.09 7.44 -5.24
N HIS A 386 11.16 6.52 -4.97
CA HIS A 386 10.07 6.82 -4.05
C HIS A 386 10.57 7.18 -2.65
N ASP A 387 11.72 6.63 -2.25
CA ASP A 387 12.32 6.92 -0.96
C ASP A 387 13.22 8.15 -0.99
N HIS A 388 13.22 8.90 -2.09
CA HIS A 388 13.92 10.16 -2.34
C HIS A 388 15.41 9.99 -2.63
N THR A 389 15.97 8.79 -2.57
CA THR A 389 17.33 8.61 -3.06
C THR A 389 17.39 8.92 -4.55
N THR A 390 18.59 9.26 -5.03
CA THR A 390 18.71 9.63 -6.43
C THR A 390 18.35 8.44 -7.32
N ARG A 391 17.69 8.73 -8.44
CA ARG A 391 17.35 7.70 -9.40
C ARG A 391 18.62 7.07 -9.96
N GLU A 392 18.53 5.79 -10.30
CA GLU A 392 19.62 5.04 -10.95
C GLU A 392 20.30 5.88 -12.02
N TYR A 393 21.60 6.15 -11.83
CA TYR A 393 22.24 7.17 -12.64
C TYR A 393 22.31 6.78 -14.11
N HIS A 394 22.38 5.48 -14.41
CA HIS A 394 22.35 5.06 -15.81
C HIS A 394 21.05 5.50 -16.48
N GLU A 395 19.93 5.48 -15.75
CA GLU A 395 18.66 5.90 -16.33
C GLU A 395 18.67 7.40 -16.60
N ILE A 396 19.19 8.19 -15.66
CA ILE A 396 19.34 9.63 -15.87
C ILE A 396 20.24 9.88 -17.07
N GLU A 397 21.32 9.10 -17.19
CA GLU A 397 22.25 9.27 -18.30
C GLU A 397 21.58 9.03 -19.65
N ASP A 398 20.88 7.90 -19.77
CA ASP A 398 20.27 7.55 -21.06
C ASP A 398 19.17 8.53 -21.44
N ILE A 399 18.37 8.96 -20.46
CA ILE A 399 17.34 9.96 -20.74
C ILE A 399 17.97 11.26 -21.22
N TRP A 400 18.99 11.73 -20.49
CA TRP A 400 19.71 12.94 -20.90
C TRP A 400 20.30 12.79 -22.30
N ALA A 401 20.93 11.64 -22.58
CA ALA A 401 21.53 11.44 -23.89
C ALA A 401 20.50 11.46 -25.01
N LYS A 402 19.28 10.98 -24.74
CA LYS A 402 18.25 11.00 -25.77
C LYS A 402 17.92 12.42 -26.23
N SER A 403 18.22 13.42 -25.41
CA SER A 403 17.98 14.82 -25.75
C SER A 403 19.28 15.57 -26.06
N GLY A 404 20.39 14.87 -26.22
CA GLY A 404 21.65 15.52 -26.49
C GLY A 404 22.31 16.16 -25.27
N ILE A 405 21.88 15.79 -24.07
CA ILE A 405 22.51 16.26 -22.85
C ILE A 405 23.64 15.28 -22.56
N ILE A 406 24.88 15.70 -22.85
CA ILE A 406 26.03 14.81 -22.81
C ILE A 406 27.21 15.54 -22.20
N PRO A 407 28.17 14.80 -21.63
CA PRO A 407 29.25 15.43 -20.85
C PRO A 407 30.30 16.19 -21.68
N LYS A 408 30.35 16.01 -22.99
CA LYS A 408 31.32 16.77 -23.79
C LYS A 408 30.95 18.24 -23.90
N LYS A 409 29.69 18.59 -23.61
CA LYS A 409 29.23 19.97 -23.67
C LYS A 409 29.44 20.67 -22.33
N HIS A 410 29.38 22.00 -22.35
CA HIS A 410 29.21 22.77 -21.13
C HIS A 410 27.72 22.90 -20.88
N LEU A 411 27.25 22.37 -19.77
CA LEU A 411 25.83 22.38 -19.46
C LEU A 411 25.58 23.29 -18.26
N ALA A 412 24.56 24.14 -18.38
CA ALA A 412 24.07 24.94 -17.26
C ALA A 412 22.62 24.52 -17.00
N PHE A 413 22.42 23.81 -15.90
CA PHE A 413 21.08 23.41 -15.49
C PHE A 413 20.38 24.60 -14.84
N TYR A 414 19.07 24.70 -15.06
CA TYR A 414 18.30 25.78 -14.45
C TYR A 414 16.86 25.35 -14.28
N CSS A 415 16.11 26.14 -13.50
CA CSS A 415 14.72 25.86 -13.27
CB CSS A 415 14.48 24.92 -12.08
SG CSS A 415 15.37 25.34 -10.63
SD CSS A 415 13.84 25.69 -9.20
C CSS A 415 13.99 27.18 -13.03
O CSS A 415 14.48 28.24 -13.72
N GLY A 416 13.19 27.26 -11.97
CA GLY A 416 12.57 28.52 -11.61
C GLY A 416 13.55 29.50 -11.00
N THR A 417 14.23 29.07 -9.93
CA THR A 417 15.15 29.92 -9.19
C THR A 417 16.47 29.25 -8.88
N GLY A 418 16.69 28.01 -9.32
CA GLY A 418 17.97 27.34 -9.14
C GLY A 418 17.94 26.16 -8.18
N TRP A 419 16.81 25.87 -7.54
CA TRP A 419 16.74 24.70 -6.66
C TRP A 419 16.80 23.41 -7.45
N ARG A 420 15.82 23.17 -8.32
CA ARG A 420 15.76 21.92 -9.07
C ARG A 420 16.96 21.76 -9.99
N GLY A 421 17.44 22.87 -10.57
CA GLY A 421 18.63 22.81 -11.38
C GLY A 421 19.86 22.38 -10.60
N SER A 422 19.90 22.69 -9.30
CA SER A 422 21.03 22.25 -8.49
C SER A 422 21.01 20.73 -8.30
N GLU A 423 19.83 20.16 -8.08
CA GLU A 423 19.74 18.71 -7.92
C GLU A 423 20.07 17.99 -9.23
N ALA A 424 19.66 18.56 -10.37
CA ALA A 424 20.07 18.00 -11.65
C ALA A 424 21.57 18.14 -11.84
N TRP A 425 22.11 19.33 -11.58
CA TRP A 425 23.55 19.56 -11.66
C TRP A 425 24.33 18.60 -10.77
N PHE A 426 23.87 18.40 -9.53
CA PHE A 426 24.57 17.51 -8.60
C PHE A 426 24.66 16.10 -9.16
N ASN A 427 23.56 15.60 -9.75
CA ASN A 427 23.58 14.26 -10.35
C ASN A 427 24.63 14.16 -11.46
N ALA A 428 24.70 15.16 -12.34
CA ALA A 428 25.72 15.15 -13.39
C ALA A 428 27.12 15.23 -12.79
N LEU A 429 27.29 16.03 -11.75
CA LEU A 429 28.57 16.10 -11.07
C LEU A 429 28.98 14.75 -10.50
N LEU A 430 28.01 14.02 -9.94
CA LEU A 430 28.29 12.70 -9.39
C LEU A 430 28.77 11.73 -10.47
N MET A 431 28.35 11.95 -11.72
CA MET A 431 28.81 11.11 -12.81
C MET A 431 30.21 11.50 -13.30
N GLY A 432 30.85 12.48 -12.67
CA GLY A 432 32.15 12.93 -13.12
C GLY A 432 32.13 13.75 -14.39
N TRP A 433 30.99 14.36 -14.73
CA TRP A 433 30.95 15.22 -15.90
C TRP A 433 31.83 16.45 -15.67
N PRO A 434 32.62 16.85 -16.67
CA PRO A 434 33.70 17.83 -16.43
C PRO A 434 33.28 19.29 -16.46
N ARG A 435 32.21 19.64 -17.17
CA ARG A 435 31.80 21.05 -17.31
C ARG A 435 30.28 21.16 -17.13
N VAL A 436 29.83 21.13 -15.88
CA VAL A 436 28.42 21.28 -15.57
C VAL A 436 28.25 22.44 -14.60
N SER A 437 27.24 23.28 -14.85
CA SER A 437 26.99 24.48 -14.08
C SER A 437 25.50 24.59 -13.75
N VAL A 438 25.18 25.54 -12.86
CA VAL A 438 23.79 25.96 -12.64
C VAL A 438 23.66 27.39 -13.14
N TYR A 439 22.73 27.60 -14.08
CA TYR A 439 22.31 28.97 -14.41
C TYR A 439 21.37 29.42 -13.30
N ASP A 440 21.92 30.24 -12.39
CA ASP A 440 21.26 30.57 -11.13
C ASP A 440 19.94 31.30 -11.34
N GLY A 441 19.96 32.38 -12.13
CA GLY A 441 18.79 33.22 -12.25
C GLY A 441 17.57 32.48 -12.75
N GLY A 442 17.77 31.54 -13.67
CA GLY A 442 16.69 30.71 -14.16
C GLY A 442 15.57 31.50 -14.82
N TRP A 443 14.40 30.87 -14.84
CA TRP A 443 13.22 31.49 -15.46
C TRP A 443 12.79 32.75 -14.69
N PHE A 444 13.00 32.77 -13.37
CA PHE A 444 12.63 33.96 -12.59
C PHE A 444 13.37 35.19 -13.10
N GLU A 445 14.70 35.13 -13.18
CA GLU A 445 15.47 36.25 -13.69
C GLU A 445 15.20 36.51 -15.16
N TRP A 446 15.10 35.45 -15.97
CA TRP A 446 14.88 35.61 -17.40
C TRP A 446 13.57 36.34 -17.68
N SER A 447 12.47 35.88 -17.08
CA SER A 447 11.17 36.47 -17.35
C SER A 447 10.94 37.81 -16.64
N ASN A 448 11.80 38.18 -15.68
CA ASN A 448 11.65 39.48 -15.04
C ASN A 448 12.06 40.63 -15.95
N ASP A 449 12.81 40.34 -17.01
CA ASP A 449 13.21 41.34 -17.98
C ASP A 449 12.33 41.21 -19.21
N PRO A 450 11.43 42.17 -19.47
CA PRO A 450 10.55 42.03 -20.64
C PRO A 450 11.28 42.05 -21.97
N GLU A 451 12.55 42.47 -22.01
CA GLU A 451 13.32 42.45 -23.24
C GLU A 451 13.77 41.04 -23.63
N ASN A 452 13.64 40.05 -22.71
CA ASN A 452 14.09 38.69 -23.00
C ASN A 452 12.99 37.91 -23.72
N PRO A 453 13.32 37.18 -24.77
CA PRO A 453 12.30 36.40 -25.49
C PRO A 453 11.90 35.15 -24.73
N TYR A 454 10.72 34.65 -25.07
CA TYR A 454 10.24 33.43 -24.42
C TYR A 454 9.17 32.79 -25.30
N GLU A 455 8.98 31.49 -25.09
CA GLU A 455 8.00 30.69 -25.82
C GLU A 455 6.91 30.21 -24.86
N THR A 456 5.76 29.86 -25.43
CA THR A 456 4.67 29.24 -24.71
C THR A 456 4.03 28.17 -25.59
N GLY A 457 3.07 27.45 -25.02
CA GLY A 457 2.34 26.45 -25.75
C GLY A 457 3.11 25.16 -25.94
N VAL A 458 2.40 24.14 -26.42
CA VAL A 458 3.03 22.86 -26.73
C VAL A 458 3.97 23.03 -27.92
N PRO A 459 5.19 22.52 -27.85
CA PRO A 459 6.17 22.84 -28.90
C PRO A 459 5.85 22.14 -30.21
N LYS A 460 6.00 22.88 -31.30
CA LYS A 460 5.77 22.36 -32.65
C LYS A 460 7.02 21.65 -33.17
N ASP B 35 -5.69 20.39 8.31
CA ASP B 35 -5.93 20.99 9.63
C ASP B 35 -7.15 20.37 10.29
N HIS B 36 -7.07 19.05 10.54
CA HIS B 36 -8.19 18.34 11.16
C HIS B 36 -8.13 18.48 12.67
N THR B 37 -9.20 18.99 13.26
CA THR B 37 -9.26 19.11 14.71
C THR B 37 -9.15 17.75 15.36
N GLU B 38 -8.19 17.60 16.27
CA GLU B 38 -7.97 16.37 17.01
C GLU B 38 -8.86 16.36 18.25
N ILE B 39 -9.55 15.25 18.49
CA ILE B 39 -10.40 15.09 19.66
C ILE B 39 -9.66 14.29 20.71
N THR B 40 -9.80 14.69 21.98
CA THR B 40 -9.05 14.09 23.06
C THR B 40 -9.82 12.92 23.66
N THR B 41 -9.08 12.06 24.37
CA THR B 41 -9.66 10.82 24.88
C THR B 41 -10.83 11.09 25.83
N ASP B 42 -10.69 12.09 26.70
CA ASP B 42 -11.76 12.39 27.66
C ASP B 42 -12.98 12.97 26.95
N SER B 43 -12.76 13.77 25.91
CA SER B 43 -13.89 14.34 25.17
C SER B 43 -14.67 13.25 24.45
N LEU B 44 -13.97 12.37 23.73
CA LEU B 44 -14.63 11.29 23.03
C LEU B 44 -15.39 10.39 23.99
N LEU B 45 -14.77 10.08 25.13
CA LEU B 45 -15.43 9.25 26.13
C LEU B 45 -16.71 9.91 26.64
N ALA B 46 -16.70 11.24 26.78
CA ALA B 46 -17.89 11.95 27.24
C ALA B 46 -18.98 12.05 26.18
N LEU B 47 -18.66 11.81 24.91
CA LEU B 47 -19.62 11.91 23.83
C LEU B 47 -20.11 10.55 23.34
N LEU B 48 -19.87 9.49 24.12
CA LEU B 48 -20.11 8.14 23.64
C LEU B 48 -21.59 7.86 23.42
N GLY B 49 -22.47 8.58 24.12
CA GLY B 49 -23.90 8.43 23.95
C GLY B 49 -24.56 9.53 23.16
N SER B 50 -23.80 10.44 22.57
CA SER B 50 -24.39 11.55 21.83
C SER B 50 -24.95 11.07 20.50
N GLU B 51 -26.24 11.36 20.27
CA GLU B 51 -26.84 11.05 18.98
C GLU B 51 -26.33 11.94 17.86
N LYS B 52 -25.73 13.08 18.21
CA LYS B 52 -25.21 14.00 17.20
C LYS B 52 -23.82 13.60 16.69
N VAL B 53 -23.20 12.59 17.30
CA VAL B 53 -21.82 12.22 17.00
C VAL B 53 -21.81 10.85 16.32
N LYS B 54 -21.11 10.76 15.20
CA LYS B 54 -20.86 9.49 14.52
C LYS B 54 -19.38 9.17 14.63
N ILE B 55 -19.07 8.05 15.27
CA ILE B 55 -17.68 7.60 15.43
C ILE B 55 -17.42 6.54 14.37
N ILE B 56 -16.35 6.74 13.59
CA ILE B 56 -16.11 5.93 12.39
C ILE B 56 -14.74 5.27 12.49
N ASP B 57 -14.74 3.94 12.47
CA ASP B 57 -13.53 3.12 12.54
C ASP B 57 -13.06 2.84 11.12
N VAL B 58 -11.89 3.38 10.75
CA VAL B 58 -11.40 3.28 9.37
C VAL B 58 -10.46 2.09 9.18
N ARG B 59 -10.31 1.23 10.19
CA ARG B 59 -9.46 0.06 10.01
C ARG B 59 -10.20 -0.99 9.17
N SER B 60 -9.53 -2.11 8.91
CA SER B 60 -10.18 -3.19 8.20
C SER B 60 -11.38 -3.72 8.97
N ALA B 61 -12.36 -4.26 8.25
CA ALA B 61 -13.54 -4.82 8.90
C ALA B 61 -13.16 -5.95 9.85
N ASP B 62 -12.07 -6.65 9.57
CA ASP B 62 -11.65 -7.75 10.44
C ASP B 62 -11.15 -7.24 11.78
N ALA B 63 -10.38 -6.14 11.76
CA ALA B 63 -9.98 -5.51 13.01
C ALA B 63 -11.20 -5.02 13.77
N TYR B 64 -12.11 -4.34 13.06
CA TYR B 64 -13.36 -3.88 13.66
C TYR B 64 -14.11 -5.02 14.33
N ASN B 65 -14.10 -6.20 13.71
CA ASN B 65 -14.84 -7.34 14.25
C ASN B 65 -14.23 -7.87 15.54
N GLY B 66 -12.91 -7.72 15.72
CA GLY B 66 -12.27 -8.18 16.93
C GLY B 66 -10.87 -8.73 16.75
N TRP B 67 -10.40 -8.83 15.51
CA TRP B 67 -9.06 -9.34 15.26
C TRP B 67 -8.01 -8.34 15.74
N ARG B 68 -7.10 -8.82 16.56
CA ARG B 68 -6.03 -7.99 17.12
C ARG B 68 -4.88 -7.96 16.14
N MET B 69 -5.10 -7.20 15.05
CA MET B 69 -4.20 -7.22 13.90
C MET B 69 -2.84 -6.60 14.21
N ARG B 70 -2.75 -5.72 15.20
CA ARG B 70 -1.49 -5.08 15.57
C ARG B 70 -0.97 -5.55 16.93
N GLY B 71 -1.42 -6.71 17.40
CA GLY B 71 -1.00 -7.24 18.68
C GLY B 71 -1.69 -6.62 19.89
N GLU B 72 -2.64 -5.71 19.69
CA GLU B 72 -3.34 -5.11 20.82
C GLU B 72 -3.97 -6.18 21.69
N VAL B 73 -4.04 -5.90 23.00
CA VAL B 73 -4.54 -6.89 23.94
C VAL B 73 -6.07 -6.98 23.90
N ARG B 74 -6.75 -5.88 23.60
CA ARG B 74 -8.20 -5.86 23.46
C ARG B 74 -8.54 -5.50 22.02
N GLY B 75 -9.12 -6.47 21.29
CA GLY B 75 -9.54 -6.22 19.93
C GLY B 75 -11.00 -5.79 19.83
N GLY B 76 -11.36 -5.28 18.67
CA GLY B 76 -12.68 -4.74 18.41
C GLY B 76 -12.66 -3.25 18.19
N HIS B 77 -13.83 -2.65 18.31
CA HIS B 77 -14.01 -1.24 18.02
C HIS B 77 -14.47 -0.49 19.27
N ILE B 78 -14.32 0.84 19.22
CA ILE B 78 -14.95 1.70 20.23
C ILE B 78 -16.45 1.44 20.22
N LYS B 79 -17.03 1.39 21.43
CA LYS B 79 -18.45 1.10 21.55
C LYS B 79 -19.28 2.15 20.84
N GLY B 80 -20.17 1.69 19.95
CA GLY B 80 -21.02 2.56 19.18
C GLY B 80 -20.46 2.99 17.83
N ALA B 81 -19.21 2.63 17.52
CA ALA B 81 -18.58 3.10 16.30
C ALA B 81 -19.07 2.32 15.08
N LYS B 82 -19.05 2.99 13.93
CA LYS B 82 -19.36 2.39 12.64
C LYS B 82 -18.07 1.96 11.94
N SER B 83 -18.21 0.99 11.05
CA SER B 83 -17.08 0.51 10.26
C SER B 83 -17.10 1.16 8.88
N LEU B 84 -15.98 1.78 8.51
CA LEU B 84 -15.82 2.35 7.17
C LEU B 84 -14.34 2.26 6.79
N PRO B 85 -13.91 1.07 6.36
CA PRO B 85 -12.49 0.88 6.03
C PRO B 85 -11.97 1.90 5.02
N ALA B 86 -10.80 2.45 5.31
CA ALA B 86 -10.15 3.37 4.39
C ALA B 86 -9.80 2.69 3.07
N LYS B 87 -9.76 1.36 3.06
CA LYS B 87 -9.59 0.62 1.82
C LYS B 87 -10.67 0.98 0.80
N TRP B 88 -11.89 1.25 1.27
CA TRP B 88 -13.01 1.61 0.39
C TRP B 88 -12.85 2.98 -0.24
N LEU B 89 -11.81 3.73 0.09
CA LEU B 89 -11.66 5.08 -0.45
C LEU B 89 -11.47 5.09 -1.96
N THR B 90 -11.00 3.98 -2.55
CA THR B 90 -10.87 3.85 -3.98
C THR B 90 -12.15 3.35 -4.65
N ASP B 91 -13.23 3.21 -3.90
CA ASP B 91 -14.51 2.81 -4.48
C ASP B 91 -15.18 4.04 -5.09
N PRO B 92 -15.65 3.96 -6.33
CA PRO B 92 -16.36 5.11 -6.93
C PRO B 92 -17.65 5.48 -6.20
N GLU B 93 -18.37 4.51 -5.63
CA GLU B 93 -19.58 4.79 -4.87
C GLU B 93 -19.31 5.07 -3.40
N TRP B 94 -18.13 5.61 -3.07
CA TRP B 94 -17.72 5.77 -1.68
C TRP B 94 -18.76 6.57 -0.89
N LEU B 95 -19.21 7.71 -1.41
CA LEU B 95 -20.17 8.50 -0.66
C LEU B 95 -21.56 7.87 -0.67
N ASN B 96 -21.86 7.01 -1.64
CA ASN B 96 -23.09 6.23 -1.58
C ASN B 96 -23.04 5.24 -0.43
N ILE B 97 -21.90 4.60 -0.23
CA ILE B 97 -21.69 3.77 0.96
C ILE B 97 -21.92 4.59 2.22
N VAL B 98 -21.32 5.79 2.27
CA VAL B 98 -21.42 6.64 3.44
C VAL B 98 -22.87 7.03 3.70
N ARG B 99 -23.60 7.41 2.65
CA ARG B 99 -24.96 7.90 2.84
C ARG B 99 -25.91 6.77 3.25
N PHE B 100 -25.72 5.56 2.72
CA PHE B 100 -26.55 4.45 3.14
C PHE B 100 -26.24 4.01 4.57
N LYS B 101 -25.04 4.30 5.06
CA LYS B 101 -24.76 4.18 6.48
C LYS B 101 -25.33 5.34 7.29
N GLN B 102 -26.02 6.28 6.63
CA GLN B 102 -26.71 7.39 7.29
C GLN B 102 -25.75 8.27 8.08
N ILE B 103 -24.56 8.47 7.53
CA ILE B 103 -23.60 9.45 8.04
C ILE B 103 -23.90 10.75 7.30
N ARG B 104 -24.56 11.71 8.00
CA ARG B 104 -25.05 12.94 7.40
C ARG B 104 -24.08 14.10 7.63
N PRO B 105 -24.07 15.09 6.74
CA PRO B 105 -23.09 16.18 6.89
C PRO B 105 -23.26 17.00 8.14
N GLU B 106 -24.46 17.02 8.74
CA GLU B 106 -24.64 17.74 9.99
C GLU B 106 -24.09 16.97 11.19
N ASP B 107 -23.82 15.68 11.05
CA ASP B 107 -23.28 14.90 12.14
C ASP B 107 -21.87 15.36 12.49
N ALA B 108 -21.56 15.30 13.79
CA ALA B 108 -20.19 15.47 14.26
C ALA B 108 -19.45 14.16 14.05
N ILE B 109 -18.48 14.16 13.13
CA ILE B 109 -17.80 12.93 12.73
C ILE B 109 -16.47 12.84 13.46
N VAL B 110 -16.19 11.67 14.02
CA VAL B 110 -14.95 11.38 14.72
C VAL B 110 -14.34 10.13 14.09
N LEU B 111 -13.15 10.26 13.52
CA LEU B 111 -12.47 9.17 12.83
C LEU B 111 -11.32 8.65 13.68
N TYR B 112 -11.11 7.34 13.66
CA TYR B 112 -9.96 6.74 14.32
C TYR B 112 -9.51 5.53 13.52
N GLY B 113 -8.22 5.23 13.63
CA GLY B 113 -7.66 4.02 13.07
C GLY B 113 -6.58 3.50 14.00
N TYR B 114 -5.75 2.58 13.52
CA TYR B 114 -4.58 2.17 14.29
C TYR B 114 -3.66 3.36 14.54
N THR B 115 -3.46 4.18 13.51
CA THR B 115 -2.74 5.44 13.60
C THR B 115 -3.59 6.58 13.06
N PRO B 116 -3.42 7.79 13.56
CA PRO B 116 -4.09 8.95 12.94
C PRO B 116 -3.60 9.25 11.53
N GLU B 117 -2.47 8.68 11.10
CA GLU B 117 -2.03 8.85 9.72
C GLU B 117 -2.98 8.18 8.75
N GLU B 118 -3.64 7.10 9.17
CA GLU B 118 -4.57 6.38 8.31
C GLU B 118 -5.93 7.07 8.20
N CYS B 119 -6.24 7.98 9.13
CA CYS B 119 -7.47 8.74 9.08
C CYS B 119 -7.35 9.99 8.21
N GLU B 120 -6.12 10.39 7.86
CA GLU B 120 -5.92 11.63 7.12
C GLU B 120 -6.74 11.65 5.82
N GLN B 121 -6.57 10.64 4.98
CA GLN B 121 -7.27 10.61 3.70
C GLN B 121 -8.79 10.58 3.90
N THR B 122 -9.27 9.77 4.84
CA THR B 122 -10.71 9.69 5.06
C THR B 122 -11.28 11.03 5.50
N ALA B 123 -10.55 11.75 6.38
CA ALA B 123 -11.02 13.05 6.83
C ALA B 123 -11.11 14.04 5.67
N THR B 124 -10.11 14.03 4.79
CA THR B 124 -10.13 14.94 3.65
C THR B 124 -11.25 14.58 2.68
N ARG B 125 -11.45 13.28 2.44
CA ARG B 125 -12.55 12.86 1.56
C ARG B 125 -13.90 13.32 2.11
N PHE B 126 -14.07 13.27 3.44
CA PHE B 126 -15.30 13.78 4.03
C PHE B 126 -15.46 15.28 3.81
N LYS B 127 -14.38 16.03 4.02
CA LYS B 127 -14.46 17.47 3.85
C LYS B 127 -14.54 17.87 2.38
N GLU B 128 -14.00 17.04 1.49
CA GLU B 128 -14.17 17.26 0.05
C GLU B 128 -15.63 17.14 -0.37
N ASN B 129 -16.47 16.49 0.42
CA ASN B 129 -17.86 16.25 0.08
C ASN B 129 -18.83 16.99 0.99
N GLY B 130 -18.39 18.05 1.64
CA GLY B 130 -19.29 18.90 2.40
C GLY B 130 -19.55 18.47 3.83
N TYR B 131 -18.83 17.47 4.33
CA TYR B 131 -18.89 17.10 5.74
C TYR B 131 -17.90 18.00 6.47
N ASN B 132 -18.41 19.08 7.08
CA ASN B 132 -17.56 20.11 7.67
C ASN B 132 -17.11 19.79 9.09
N ASN B 133 -17.93 19.06 9.85
CA ASN B 133 -17.64 18.78 11.26
C ASN B 133 -16.98 17.41 11.36
N VAL B 134 -15.67 17.38 11.08
CA VAL B 134 -14.89 16.15 11.08
C VAL B 134 -13.73 16.30 12.06
N SER B 135 -13.52 15.28 12.89
CA SER B 135 -12.45 15.25 13.86
C SER B 135 -11.72 13.93 13.76
N VAL B 136 -10.51 13.89 14.32
CA VAL B 136 -9.69 12.69 14.33
C VAL B 136 -9.32 12.37 15.77
N PHE B 137 -9.35 11.07 16.11
CA PHE B 137 -8.93 10.58 17.41
C PHE B 137 -7.64 9.81 17.23
N HIS B 138 -6.54 10.33 17.80
CA HIS B 138 -5.21 9.78 17.54
C HIS B 138 -4.90 8.57 18.39
N ARG B 139 -5.50 8.45 19.57
CA ARG B 139 -5.04 7.54 20.61
C ARG B 139 -6.00 6.38 20.85
N PHE B 140 -6.54 5.80 19.78
CA PHE B 140 -7.32 4.57 19.96
C PHE B 140 -6.42 3.41 20.35
N HIS B 141 -5.25 3.30 19.72
CA HIS B 141 -4.27 2.28 20.04
C HIS B 141 -2.94 2.96 20.37
N PRO B 142 -2.31 2.66 21.52
CA PRO B 142 -2.78 1.66 22.49
C PRO B 142 -3.53 2.24 23.67
N ASP B 143 -3.91 3.52 23.62
CA ASP B 143 -4.51 4.16 24.79
C ASP B 143 -5.90 3.62 25.06
N TRP B 144 -6.79 3.65 24.06
CA TRP B 144 -8.16 3.16 24.27
C TRP B 144 -8.17 1.65 24.44
N THR B 145 -7.46 0.94 23.57
CA THR B 145 -7.49 -0.52 23.61
C THR B 145 -6.85 -1.05 24.90
N GLY B 146 -5.80 -0.39 25.38
CA GLY B 146 -5.04 -0.90 26.49
C GLY B 146 -5.56 -0.60 27.88
N ASN B 147 -6.74 0.02 28.01
CA ASN B 147 -7.27 0.41 29.32
C ASN B 147 -8.71 -0.06 29.45
N ASP B 148 -8.97 -0.81 30.52
CA ASP B 148 -10.27 -1.46 30.72
C ASP B 148 -11.43 -0.48 30.89
N ALA B 149 -11.15 0.78 31.24
CA ALA B 149 -12.23 1.72 31.51
C ALA B 149 -12.91 2.22 30.25
N PHE B 150 -12.32 2.00 29.08
CA PHE B 150 -12.87 2.54 27.84
C PHE B 150 -13.67 1.48 27.13
N PRO B 151 -14.97 1.68 26.92
CA PRO B 151 -15.82 0.59 26.39
C PRO B 151 -15.46 0.25 24.95
N MET B 152 -15.36 -1.05 24.69
CA MET B 152 -15.16 -1.57 23.36
C MET B 152 -16.18 -2.66 23.09
N ASP B 153 -16.38 -2.97 21.82
CA ASP B 153 -17.31 -3.99 21.37
C ASP B 153 -16.63 -4.83 20.30
N ARG B 154 -17.10 -6.07 20.16
CA ARG B 154 -16.55 -6.94 19.13
C ARG B 154 -17.59 -7.99 18.75
N LEU B 155 -17.43 -8.52 17.55
CA LEU B 155 -18.21 -9.67 17.11
C LEU B 155 -17.81 -10.89 17.95
N GLU B 156 -18.80 -11.48 18.63
CA GLU B 156 -18.48 -12.44 19.70
C GLU B 156 -17.69 -13.64 19.18
N GLN B 157 -18.08 -14.20 18.04
CA GLN B 157 -17.37 -15.34 17.46
C GLN B 157 -16.51 -14.93 16.28
N TYR B 158 -15.82 -13.78 16.39
CA TYR B 158 -15.08 -13.23 15.25
C TYR B 158 -13.99 -14.18 14.75
N ASN B 159 -13.50 -15.08 15.59
CA ASN B 159 -12.40 -15.96 15.18
C ASN B 159 -12.80 -16.96 14.12
N ARG B 160 -14.10 -17.12 13.85
CA ARG B 160 -14.55 -17.97 12.76
C ARG B 160 -14.57 -17.24 11.42
N LEU B 161 -14.50 -15.92 11.42
CA LEU B 161 -14.47 -15.10 10.20
C LEU B 161 -13.06 -14.50 10.10
N VAL B 162 -12.17 -15.18 9.37
CA VAL B 162 -10.75 -14.88 9.42
C VAL B 162 -10.34 -13.86 8.35
N PRO B 163 -9.35 -13.01 8.62
CA PRO B 163 -8.82 -12.12 7.60
C PRO B 163 -7.80 -12.85 6.71
N ALA B 164 -7.46 -12.18 5.61
CA ALA B 164 -6.51 -12.77 4.65
C ALA B 164 -5.15 -13.00 5.30
N GLU B 165 -4.70 -12.05 6.13
CA GLU B 165 -3.41 -12.18 6.80
C GLU B 165 -3.34 -13.42 7.67
N TRP B 166 -4.47 -13.79 8.29
CA TRP B 166 -4.49 -14.99 9.14
C TRP B 166 -4.32 -16.25 8.29
N VAL B 167 -4.98 -16.30 7.12
CA VAL B 167 -4.82 -17.46 6.25
C VAL B 167 -3.39 -17.52 5.72
N ASN B 168 -2.82 -16.36 5.38
CA ASN B 168 -1.44 -16.33 4.88
C ASN B 168 -0.47 -16.82 5.94
N GLY B 169 -0.70 -16.44 7.20
CA GLY B 169 0.15 -16.95 8.27
C GLY B 169 -0.04 -18.44 8.49
N LEU B 170 -1.28 -18.93 8.36
CA LEU B 170 -1.55 -20.35 8.53
C LEU B 170 -0.79 -21.18 7.51
N ILE B 171 -0.87 -20.81 6.23
CA ILE B 171 -0.23 -21.62 5.19
C ILE B 171 1.29 -21.44 5.24
N SER B 172 1.76 -20.28 5.71
CA SER B 172 3.19 -20.03 5.83
C SER B 172 3.76 -20.53 7.14
N GLY B 173 3.04 -21.38 7.87
CA GLY B 173 3.53 -21.97 9.09
C GLY B 173 3.85 -20.99 10.21
N GLU B 174 3.52 -19.72 10.03
CA GLU B 174 3.81 -18.71 11.03
C GLU B 174 2.94 -18.94 12.28
N GLU B 175 3.23 -18.15 13.32
CA GLU B 175 2.43 -18.15 14.54
C GLU B 175 1.29 -17.16 14.38
N ILE B 176 0.06 -17.63 14.56
CA ILE B 176 -1.11 -16.77 14.37
C ILE B 176 -2.00 -16.87 15.61
N PRO B 177 -2.72 -15.80 15.95
CA PRO B 177 -3.69 -15.90 17.05
C PRO B 177 -4.87 -16.78 16.67
N GLU B 178 -5.63 -17.15 17.70
CA GLU B 178 -6.88 -17.88 17.52
C GLU B 178 -6.68 -19.15 16.70
N TYR B 179 -5.54 -19.81 16.89
CA TYR B 179 -5.27 -21.06 16.20
C TYR B 179 -4.38 -21.92 17.09
N ASP B 180 -4.93 -23.05 17.53
CA ASP B 180 -4.25 -23.95 18.46
C ASP B 180 -4.21 -25.37 17.92
N ASN B 181 -4.20 -25.52 16.60
CA ASN B 181 -4.28 -26.82 15.94
C ASN B 181 -3.02 -27.06 15.12
N ASP B 182 -2.84 -28.30 14.67
CA ASP B 182 -1.70 -28.63 13.82
C ASP B 182 -2.09 -29.23 12.47
N THR B 183 -3.38 -29.41 12.20
CA THR B 183 -3.85 -29.93 10.92
C THR B 183 -4.87 -28.95 10.34
N PHE B 184 -4.56 -28.42 9.16
CA PHE B 184 -5.45 -27.50 8.48
C PHE B 184 -5.62 -27.88 7.02
N ILE B 185 -6.64 -27.32 6.39
CA ILE B 185 -6.83 -27.44 4.95
C ILE B 185 -7.57 -26.21 4.48
N VAL B 186 -7.04 -25.57 3.44
CA VAL B 186 -7.72 -24.45 2.79
C VAL B 186 -8.51 -25.01 1.62
N CYS B 187 -9.80 -24.71 1.58
CA CYS B 187 -10.71 -25.30 0.61
CA CYS B 187 -10.73 -25.30 0.62
C CYS B 187 -11.35 -24.20 -0.23
N HIS B 188 -11.24 -24.34 -1.55
CA HIS B 188 -11.81 -23.41 -2.52
C HIS B 188 -13.13 -24.02 -2.99
N ALA B 189 -14.25 -23.42 -2.58
CA ALA B 189 -15.55 -23.95 -2.94
C ALA B 189 -16.01 -23.39 -4.28
N HIS B 190 -16.76 -24.21 -5.01
CA HIS B 190 -17.35 -23.80 -6.28
C HIS B 190 -18.48 -24.77 -6.58
N TYR B 191 -19.43 -24.31 -7.40
CA TYR B 191 -20.51 -25.15 -7.91
C TYR B 191 -20.17 -25.53 -9.34
N ARG B 192 -19.83 -26.80 -9.55
CA ARG B 192 -19.48 -27.39 -10.85
C ARG B 192 -18.72 -26.40 -11.76
N ASN B 193 -17.60 -25.91 -11.26
CA ASN B 193 -16.82 -24.93 -12.01
C ASN B 193 -15.36 -24.92 -11.53
N ARG B 194 -14.59 -25.95 -11.91
CA ARG B 194 -13.19 -26.00 -11.50
C ARG B 194 -12.40 -24.81 -12.00
N ASP B 195 -12.84 -24.17 -13.08
CA ASP B 195 -12.15 -22.98 -13.56
C ASP B 195 -12.13 -21.87 -12.51
N ALA B 196 -13.16 -21.78 -11.67
CA ALA B 196 -13.14 -20.79 -10.59
C ALA B 196 -11.93 -20.98 -9.68
N TYR B 197 -11.47 -22.21 -9.54
CA TYR B 197 -10.29 -22.58 -8.77
C TYR B 197 -9.02 -22.51 -9.63
N LEU B 198 -9.05 -23.12 -10.82
CA LEU B 198 -7.86 -23.19 -11.66
C LEU B 198 -7.43 -21.82 -12.18
N SER B 199 -8.37 -20.87 -12.31
CA SER B 199 -8.02 -19.56 -12.82
C SER B 199 -7.32 -18.67 -11.79
N GLY B 200 -7.08 -19.19 -10.59
CA GLY B 200 -6.47 -18.40 -9.53
C GLY B 200 -7.02 -18.77 -8.17
N HIS B 201 -6.15 -19.27 -7.29
CA HIS B 201 -6.59 -19.71 -5.98
C HIS B 201 -5.50 -19.46 -4.96
N ILE B 202 -5.86 -19.64 -3.69
CA ILE B 202 -4.91 -19.44 -2.59
C ILE B 202 -3.86 -20.55 -2.63
N PRO B 203 -2.57 -20.23 -2.51
CA PRO B 203 -1.53 -21.26 -2.65
C PRO B 203 -1.77 -22.45 -1.74
N GLY B 204 -1.62 -23.65 -2.29
CA GLY B 204 -1.82 -24.87 -1.56
C GLY B 204 -3.26 -25.31 -1.40
N ALA B 205 -4.23 -24.45 -1.69
CA ALA B 205 -5.63 -24.83 -1.51
C ALA B 205 -6.04 -25.88 -2.55
N THR B 206 -6.94 -26.76 -2.12
CA THR B 206 -7.58 -27.74 -3.01
C THR B 206 -9.01 -27.29 -3.25
N ASP B 207 -9.66 -27.76 -4.31
CA ASP B 207 -11.03 -27.29 -4.59
C ASP B 207 -12.08 -28.30 -4.12
N MET B 208 -13.23 -27.80 -3.70
CA MET B 208 -14.34 -28.70 -3.33
C MET B 208 -15.56 -28.21 -4.09
N ASP B 209 -16.06 -29.05 -4.98
CA ASP B 209 -17.31 -28.74 -5.71
C ASP B 209 -18.40 -28.88 -4.67
N THR B 210 -19.39 -28.00 -4.67
CA THR B 210 -20.54 -28.10 -3.73
C THR B 210 -21.31 -29.42 -3.90
N LEU B 211 -21.33 -30.01 -5.10
CA LEU B 211 -21.94 -31.33 -5.34
C LEU B 211 -21.32 -32.43 -4.46
N ALA B 212 -20.13 -32.26 -3.88
CA ALA B 212 -19.61 -33.28 -2.96
C ALA B 212 -20.46 -33.36 -1.69
N LEU B 213 -21.05 -32.27 -1.24
CA LEU B 213 -21.73 -32.32 0.06
C LEU B 213 -23.24 -32.12 -0.02
N GLU B 214 -23.80 -31.79 -1.18
CA GLU B 214 -25.24 -31.70 -1.33
C GLU B 214 -25.67 -32.46 -2.58
N SER B 215 -26.91 -32.97 -2.53
CA SER B 215 -27.46 -33.84 -3.57
C SER B 215 -28.12 -33.01 -4.66
N PRO B 216 -27.86 -33.29 -5.94
CA PRO B 216 -28.59 -32.59 -7.01
C PRO B 216 -30.07 -32.96 -7.07
N GLU B 217 -30.51 -33.97 -6.33
CA GLU B 217 -31.91 -34.36 -6.41
C GLU B 217 -32.78 -33.52 -5.49
N THR B 218 -32.33 -33.26 -4.26
CA THR B 218 -33.06 -32.44 -3.31
C THR B 218 -32.40 -31.09 -3.04
N TRP B 219 -31.13 -30.92 -3.44
CA TRP B 219 -30.32 -29.76 -3.06
C TRP B 219 -30.30 -29.57 -1.55
N ASN B 220 -30.45 -30.67 -0.81
CA ASN B 220 -30.17 -30.74 0.60
C ASN B 220 -28.79 -31.37 0.80
N ARG B 221 -28.29 -31.27 2.03
CA ARG B 221 -27.06 -31.95 2.39
C ARG B 221 -27.20 -33.46 2.14
N ARG B 222 -26.06 -34.11 1.88
CA ARG B 222 -26.08 -35.55 1.61
C ARG B 222 -26.25 -36.34 2.90
N THR B 223 -26.51 -37.64 2.74
CA THR B 223 -26.66 -38.53 3.89
C THR B 223 -25.34 -38.64 4.65
N PRO B 224 -25.40 -39.07 5.91
CA PRO B 224 -24.15 -39.14 6.72
C PRO B 224 -23.03 -39.94 6.06
N GLU B 225 -23.33 -41.12 5.50
CA GLU B 225 -22.28 -41.95 4.92
C GLU B 225 -21.64 -41.29 3.71
N GLU B 226 -22.42 -40.53 2.93
CA GLU B 226 -21.85 -39.78 1.82
C GLU B 226 -20.94 -38.67 2.34
N LEU B 227 -21.42 -37.88 3.30
CA LEU B 227 -20.62 -36.82 3.88
C LEU B 227 -19.31 -37.37 4.43
N LYS B 228 -19.38 -38.52 5.11
CA LYS B 228 -18.17 -39.16 5.64
C LYS B 228 -17.16 -39.43 4.53
N LYS B 229 -17.60 -40.10 3.46
CA LYS B 229 -16.70 -40.41 2.36
C LYS B 229 -16.18 -39.14 1.70
N ALA B 230 -17.08 -38.18 1.41
CA ALA B 230 -16.68 -36.99 0.67
C ALA B 230 -15.64 -36.18 1.42
N LEU B 231 -15.78 -36.06 2.74
CA LEU B 231 -14.80 -35.31 3.53
C LEU B 231 -13.45 -36.03 3.56
N GLU B 232 -13.47 -37.34 3.85
CA GLU B 232 -12.23 -38.11 3.85
C GLU B 232 -11.53 -38.05 2.50
N GLU B 233 -12.29 -38.12 1.41
CA GLU B 233 -11.70 -38.04 0.07
C GLU B 233 -11.16 -36.65 -0.23
N HIS B 234 -11.60 -35.63 0.48
CA HIS B 234 -10.99 -34.31 0.38
C HIS B 234 -9.98 -34.06 1.48
N GLY B 235 -9.61 -35.09 2.24
CA GLY B 235 -8.60 -34.97 3.26
C GLY B 235 -9.01 -34.15 4.46
N ILE B 236 -10.23 -34.37 4.96
CA ILE B 236 -10.77 -33.61 6.07
C ILE B 236 -11.20 -34.58 7.16
N THR B 237 -10.69 -34.37 8.37
CA THR B 237 -11.15 -35.09 9.56
C THR B 237 -11.90 -34.13 10.45
N ALA B 238 -12.59 -34.70 11.45
CA ALA B 238 -13.37 -33.88 12.38
C ALA B 238 -12.49 -32.94 13.19
N SER B 239 -11.21 -33.25 13.35
CA SER B 239 -10.29 -32.39 14.09
C SER B 239 -9.42 -31.55 13.17
N THR B 240 -9.67 -31.57 11.87
CA THR B 240 -8.96 -30.72 10.93
C THR B 240 -9.56 -29.32 10.92
N THR B 241 -8.71 -28.30 10.87
CA THR B 241 -9.16 -26.91 10.78
C THR B 241 -9.34 -26.58 9.30
N VAL B 242 -10.61 -26.42 8.89
CA VAL B 242 -10.95 -26.19 7.48
C VAL B 242 -11.19 -24.70 7.28
N VAL B 243 -10.50 -24.12 6.30
CA VAL B 243 -10.64 -22.71 5.95
C VAL B 243 -11.30 -22.65 4.57
N LEU B 244 -12.55 -22.19 4.53
CA LEU B 244 -13.34 -22.18 3.31
C LEU B 244 -13.42 -20.78 2.72
N TYR B 245 -13.36 -20.71 1.39
CA TYR B 245 -13.51 -19.46 0.67
C TYR B 245 -13.97 -19.78 -0.75
N GLY B 246 -14.47 -18.76 -1.43
CA GLY B 246 -14.93 -18.92 -2.81
C GLY B 246 -14.70 -17.63 -3.58
N LYS B 247 -14.86 -17.75 -4.90
CA LYS B 247 -14.59 -16.65 -5.81
C LYS B 247 -15.90 -16.12 -6.36
N PHE B 248 -16.07 -14.80 -6.32
CA PHE B 248 -17.22 -14.13 -6.89
C PHE B 248 -16.92 -13.78 -8.34
N MET B 249 -17.75 -14.28 -9.26
CA MET B 249 -17.49 -14.14 -10.69
C MET B 249 -18.72 -13.58 -11.41
N HIS B 250 -19.40 -12.62 -10.77
CA HIS B 250 -20.54 -11.87 -11.29
C HIS B 250 -21.63 -12.78 -11.85
N PRO B 251 -22.41 -13.43 -10.99
CA PRO B 251 -23.51 -14.27 -11.47
C PRO B 251 -24.45 -13.52 -12.41
N ASP B 252 -24.80 -14.18 -13.51
CA ASP B 252 -25.73 -13.67 -14.51
C ASP B 252 -26.89 -14.65 -14.61
N ASN B 253 -28.12 -14.15 -14.39
CA ASN B 253 -29.29 -15.01 -14.46
C ASN B 253 -29.50 -15.63 -15.83
N ALA B 254 -28.90 -15.04 -16.88
CA ALA B 254 -29.03 -15.58 -18.22
C ALA B 254 -28.35 -16.94 -18.35
N ASP B 255 -27.38 -17.24 -17.50
CA ASP B 255 -26.61 -18.47 -17.62
C ASP B 255 -27.41 -19.65 -17.08
N GLU B 256 -27.03 -20.84 -17.53
CA GLU B 256 -27.70 -22.06 -17.06
C GLU B 256 -27.42 -22.30 -15.59
N PHE B 257 -26.20 -22.00 -15.13
CA PHE B 257 -25.77 -22.23 -13.76
C PHE B 257 -25.13 -20.97 -13.19
N PRO B 258 -25.94 -20.01 -12.73
CA PRO B 258 -25.36 -18.81 -12.11
C PRO B 258 -24.62 -19.08 -10.82
N GLY B 259 -24.96 -20.17 -10.11
CA GLY B 259 -24.28 -20.48 -8.87
C GLY B 259 -22.79 -20.72 -9.04
N SER B 260 -22.37 -21.16 -10.24
CA SER B 260 -20.95 -21.33 -10.53
C SER B 260 -20.19 -20.02 -10.41
N ALA B 261 -20.89 -18.88 -10.40
CA ALA B 261 -20.28 -17.57 -10.24
C ALA B 261 -20.41 -17.00 -8.84
N ALA B 262 -21.15 -17.64 -7.94
CA ALA B 262 -21.33 -17.17 -6.57
C ALA B 262 -20.54 -18.08 -5.63
N GLY B 263 -19.22 -18.06 -5.78
CA GLY B 263 -18.39 -19.04 -5.10
C GLY B 263 -18.36 -18.87 -3.59
N HIS B 264 -18.37 -17.63 -3.10
CA HIS B 264 -18.24 -17.44 -1.66
C HIS B 264 -19.54 -17.77 -0.91
N ILE B 265 -20.71 -17.51 -1.51
CA ILE B 265 -21.94 -18.07 -0.95
C ILE B 265 -21.80 -19.57 -0.81
N GLY B 266 -21.34 -20.23 -1.88
CA GLY B 266 -21.17 -21.67 -1.85
C GLY B 266 -20.23 -22.12 -0.75
N ALA B 267 -19.19 -21.33 -0.48
CA ALA B 267 -18.24 -21.68 0.57
C ALA B 267 -18.87 -21.61 1.95
N ILE B 268 -19.66 -20.56 2.21
CA ILE B 268 -20.37 -20.50 3.48
C ILE B 268 -21.39 -21.63 3.57
N ARG B 269 -22.00 -22.00 2.43
CA ARG B 269 -22.90 -23.15 2.40
C ARG B 269 -22.19 -24.43 2.86
N LEU B 270 -20.97 -24.66 2.37
CA LEU B 270 -20.23 -25.84 2.76
C LEU B 270 -19.76 -25.76 4.21
N ALA B 271 -19.46 -24.55 4.68
CA ALA B 271 -19.14 -24.34 6.08
C ALA B 271 -20.29 -24.80 6.97
N PHE B 272 -21.51 -24.43 6.61
CA PHE B 272 -22.69 -24.91 7.33
C PHE B 272 -22.72 -26.43 7.35
N ILE B 273 -22.56 -27.06 6.18
CA ILE B 273 -22.67 -28.52 6.09
C ILE B 273 -21.56 -29.18 6.89
N MET B 274 -20.34 -28.65 6.80
CA MET B 274 -19.23 -29.25 7.55
C MET B 274 -19.44 -29.09 9.04
N MET B 275 -19.93 -27.92 9.48
CA MET B 275 -20.21 -27.74 10.90
C MET B 275 -21.33 -28.64 11.36
N TYR B 276 -22.35 -28.84 10.51
CA TYR B 276 -23.42 -29.77 10.82
C TYR B 276 -22.89 -31.19 10.97
N ALA B 277 -22.04 -31.62 10.03
CA ALA B 277 -21.54 -32.99 10.06
C ALA B 277 -20.65 -33.23 11.29
N GLY B 278 -19.88 -32.23 11.69
CA GLY B 278 -19.08 -32.36 12.89
C GLY B 278 -17.63 -31.94 12.78
N VAL B 279 -17.28 -31.16 11.76
CA VAL B 279 -15.95 -30.57 11.72
C VAL B 279 -15.87 -29.50 12.79
N GLU B 280 -14.99 -29.71 13.77
CA GLU B 280 -14.99 -28.87 14.97
C GLU B 280 -14.59 -27.43 14.67
N ASP B 281 -13.51 -27.25 13.92
CA ASP B 281 -12.96 -25.92 13.65
C ASP B 281 -13.14 -25.61 12.17
N VAL B 282 -14.12 -24.76 11.85
CA VAL B 282 -14.38 -24.30 10.49
C VAL B 282 -14.25 -22.79 10.46
N ARG B 283 -13.42 -22.27 9.55
CA ARG B 283 -13.28 -20.84 9.34
C ARG B 283 -13.77 -20.47 7.94
N VAL B 284 -14.16 -19.21 7.80
CA VAL B 284 -14.53 -18.63 6.51
C VAL B 284 -13.66 -17.40 6.31
N LEU B 285 -12.97 -17.35 5.18
CA LEU B 285 -12.20 -16.15 4.84
C LEU B 285 -13.18 -15.02 4.53
N ASN B 286 -13.09 -13.94 5.29
CA ASN B 286 -14.00 -12.82 5.14
C ASN B 286 -13.81 -12.16 3.78
N GLY B 287 -14.87 -12.14 2.97
CA GLY B 287 -14.81 -11.56 1.64
C GLY B 287 -14.31 -12.49 0.55
N GLY B 288 -13.96 -13.72 0.89
CA GLY B 288 -13.56 -14.70 -0.10
C GLY B 288 -12.29 -14.31 -0.85
N TYR B 289 -12.19 -14.87 -2.05
CA TYR B 289 -10.98 -14.75 -2.85
C TYR B 289 -10.58 -13.29 -3.04
N GLN B 290 -11.54 -12.38 -3.13
CA GLN B 290 -11.22 -10.99 -3.39
C GLN B 290 -10.39 -10.38 -2.26
N SER B 291 -10.65 -10.77 -1.02
CA SER B 291 -9.85 -10.24 0.09
C SER B 291 -8.41 -10.72 0.02
N TRP B 292 -8.20 -11.93 -0.49
CA TRP B 292 -6.84 -12.44 -0.67
C TRP B 292 -6.05 -11.57 -1.64
N THR B 293 -6.66 -11.22 -2.77
CA THR B 293 -5.97 -10.40 -3.76
C THR B 293 -5.93 -8.93 -3.37
N ASP B 294 -6.97 -8.43 -2.70
CA ASP B 294 -6.94 -7.06 -2.20
C ASP B 294 -5.78 -6.85 -1.24
N ALA B 295 -5.53 -7.83 -0.37
CA ALA B 295 -4.36 -7.80 0.50
C ALA B 295 -3.06 -7.95 -0.28
N GLY B 296 -3.12 -8.29 -1.57
CA GLY B 296 -1.94 -8.34 -2.38
C GLY B 296 -1.12 -9.61 -2.29
N PHE B 297 -1.67 -10.67 -1.71
CA PHE B 297 -0.93 -11.92 -1.61
C PHE B 297 -0.86 -12.61 -2.98
N ALA B 298 0.05 -13.58 -3.05
CA ALA B 298 0.27 -14.32 -4.29
C ALA B 298 -0.82 -15.34 -4.51
N ILE B 299 -1.09 -15.62 -5.79
CA ILE B 299 -2.09 -16.62 -6.16
C ILE B 299 -1.42 -17.74 -6.95
N SER B 300 -2.00 -18.92 -6.86
CA SER B 300 -1.50 -20.12 -7.52
C SER B 300 -2.53 -20.60 -8.54
N LYS B 301 -2.03 -21.20 -9.62
CA LYS B 301 -2.88 -21.84 -10.61
C LYS B 301 -2.62 -23.34 -10.72
N ASP B 302 -1.91 -23.92 -9.74
CA ASP B 302 -1.66 -25.35 -9.77
C ASP B 302 -2.93 -26.12 -9.44
N ASP B 303 -3.13 -27.23 -10.14
CA ASP B 303 -4.22 -28.14 -9.80
C ASP B 303 -3.71 -29.08 -8.71
N VAL B 304 -3.77 -28.59 -7.48
CA VAL B 304 -3.25 -29.32 -6.33
C VAL B 304 -4.01 -30.64 -6.18
N PRO B 305 -3.32 -31.78 -6.20
CA PRO B 305 -4.01 -33.05 -5.93
C PRO B 305 -4.51 -33.10 -4.49
N LYS B 306 -5.37 -34.07 -4.22
CA LYS B 306 -5.99 -34.23 -2.92
C LYS B 306 -5.26 -35.28 -2.11
N THR B 307 -5.20 -35.06 -0.80
CA THR B 307 -4.56 -35.99 0.14
C THR B 307 -5.65 -36.59 1.01
N THR B 308 -6.16 -37.76 0.60
CA THR B 308 -7.22 -38.40 1.35
C THR B 308 -6.75 -38.78 2.75
N VAL B 309 -7.69 -38.77 3.70
CA VAL B 309 -7.44 -39.27 5.04
C VAL B 309 -8.24 -40.55 5.23
N PRO B 310 -7.79 -41.47 6.09
CA PRO B 310 -8.53 -42.74 6.21
C PRO B 310 -9.86 -42.61 6.95
N GLU B 311 -9.92 -41.79 8.00
CA GLU B 311 -11.08 -41.80 8.89
C GLU B 311 -11.48 -40.40 9.28
N PHE B 312 -12.77 -40.09 9.15
CA PHE B 312 -13.27 -38.78 9.56
C PHE B 312 -13.09 -38.56 11.05
N GLY B 313 -13.38 -39.57 11.86
CA GLY B 313 -13.07 -39.54 13.28
C GLY B 313 -14.17 -39.06 14.21
N ALA B 314 -15.40 -38.94 13.73
CA ALA B 314 -16.50 -38.53 14.59
C ALA B 314 -17.81 -38.94 13.94
N PRO B 315 -18.86 -39.19 14.73
CA PRO B 315 -20.16 -39.49 14.14
C PRO B 315 -20.71 -38.31 13.36
N ILE B 316 -21.46 -38.61 12.31
CA ILE B 316 -22.07 -37.61 11.45
C ILE B 316 -23.58 -37.83 11.46
N PRO B 317 -24.39 -36.81 11.78
CA PRO B 317 -23.93 -35.47 12.14
C PRO B 317 -23.68 -35.30 13.63
N SER B 318 -22.61 -34.59 14.00
CA SER B 318 -22.34 -34.29 15.40
C SER B 318 -23.07 -33.05 15.91
N ARG B 319 -23.57 -32.20 15.01
CA ARG B 319 -24.35 -31.02 15.39
C ARG B 319 -25.63 -30.98 14.56
N PRO B 320 -26.53 -31.97 14.74
CA PRO B 320 -27.73 -32.02 13.91
C PRO B 320 -28.67 -30.85 14.15
N GLU B 321 -28.57 -30.16 15.29
CA GLU B 321 -29.43 -29.02 15.58
C GLU B 321 -29.18 -27.85 14.65
N PHE B 322 -28.06 -27.85 13.91
CA PHE B 322 -27.82 -26.82 12.91
C PHE B 322 -28.77 -26.93 11.73
N ALA B 323 -29.25 -28.14 11.44
CA ALA B 323 -30.09 -28.40 10.28
C ALA B 323 -31.52 -28.67 10.72
N VAL B 324 -32.48 -28.02 10.05
CA VAL B 324 -33.90 -28.21 10.29
C VAL B 324 -34.53 -28.67 8.98
N ASP B 325 -35.38 -29.70 9.07
CA ASP B 325 -36.11 -30.21 7.92
C ASP B 325 -37.58 -29.81 8.02
N ILE B 326 -38.38 -30.21 7.04
CA ILE B 326 -39.64 -29.52 6.79
C ILE B 326 -40.65 -29.75 7.90
N ASP B 327 -40.64 -30.94 8.52
CA ASP B 327 -41.58 -31.19 9.60
C ASP B 327 -41.28 -30.32 10.80
N GLU B 328 -40.01 -30.25 11.20
CA GLU B 328 -39.62 -29.33 12.27
C GLU B 328 -39.88 -27.88 11.87
N ALA B 329 -39.70 -27.56 10.59
CA ALA B 329 -39.96 -26.20 10.12
C ALA B 329 -41.44 -25.85 10.24
N LYS B 330 -42.32 -26.78 9.90
CA LYS B 330 -43.75 -26.56 10.06
C LYS B 330 -44.11 -26.41 11.54
N GLU B 331 -43.47 -27.21 12.40
CA GLU B 331 -43.65 -27.04 13.83
C GLU B 331 -43.15 -25.67 14.29
N MET B 332 -42.04 -25.20 13.71
CA MET B 332 -41.50 -23.90 14.11
C MET B 332 -42.43 -22.75 13.72
N LEU B 333 -43.16 -22.89 12.61
CA LEU B 333 -44.08 -21.85 12.18
C LEU B 333 -45.25 -21.65 13.15
N GLN B 334 -45.44 -22.54 14.11
CA GLN B 334 -46.56 -22.44 15.03
C GLN B 334 -46.13 -22.14 16.47
N SER B 335 -44.83 -22.06 16.74
CA SER B 335 -44.33 -21.87 18.10
C SER B 335 -43.96 -20.41 18.30
N GLU B 336 -44.42 -19.83 19.40
CA GLU B 336 -43.98 -18.48 19.78
C GLU B 336 -42.47 -18.42 19.92
N ASP B 337 -41.85 -19.54 20.30
CA ASP B 337 -40.43 -19.62 20.58
C ASP B 337 -39.55 -19.65 19.33
N SER B 338 -40.14 -19.81 18.15
CA SER B 338 -39.38 -20.10 16.94
C SER B 338 -39.89 -19.25 15.78
N ASP B 339 -39.06 -19.15 14.74
CA ASP B 339 -39.42 -18.42 13.53
C ASP B 339 -38.60 -18.93 12.36
N LEU B 340 -39.18 -18.83 11.18
CA LEU B 340 -38.49 -19.07 9.93
C LEU B 340 -38.12 -17.74 9.30
N VAL B 341 -36.91 -17.67 8.73
CA VAL B 341 -36.44 -16.42 8.13
C VAL B 341 -36.13 -16.63 6.65
S2 TSY B 342 -40.29 -17.89 1.11
S1 TSY B 342 -40.09 -15.91 1.48
SG TSY B 342 -38.08 -15.70 2.10
CB TSY B 342 -38.30 -15.65 3.91
CA TSY B 342 -36.94 -15.94 4.57
N TSY B 342 -37.09 -15.76 6.02
C TSY B 342 -35.75 -14.99 4.11
O TSY B 342 -35.98 -13.79 3.87
N VAL B 343 -34.66 -15.71 3.51
CA VAL B 343 -33.54 -14.93 2.98
C VAL B 343 -33.55 -15.01 1.46
N ARG B 344 -34.57 -14.41 0.85
CA ARG B 344 -34.71 -14.38 -0.59
C ARG B 344 -34.85 -12.94 -1.05
N SER B 345 -34.82 -12.74 -2.36
CA SER B 345 -34.98 -11.41 -2.91
C SER B 345 -36.45 -11.01 -2.87
N TYR B 346 -36.71 -9.71 -3.06
CA TYR B 346 -38.08 -9.21 -3.02
C TYR B 346 -38.92 -9.74 -4.19
N PRO B 347 -38.39 -9.76 -5.44
CA PRO B 347 -39.17 -10.40 -6.51
C PRO B 347 -39.58 -11.83 -6.22
N GLU B 348 -38.67 -12.63 -5.65
CA GLU B 348 -39.04 -13.96 -5.19
C GLU B 348 -40.16 -13.89 -4.15
N TYR B 349 -40.02 -12.95 -3.21
CA TYR B 349 -40.93 -12.90 -2.07
C TYR B 349 -42.37 -12.64 -2.51
N ILE B 350 -42.56 -11.70 -3.44
CA ILE B 350 -43.91 -11.40 -3.94
C ILE B 350 -44.37 -12.38 -4.98
N GLY B 351 -43.58 -13.39 -5.33
CA GLY B 351 -43.96 -14.38 -6.32
C GLY B 351 -43.79 -13.94 -7.76
N GLU B 352 -43.05 -12.87 -8.00
CA GLU B 352 -42.83 -12.40 -9.37
C GLU B 352 -41.92 -13.36 -10.14
N VAL B 353 -40.87 -13.87 -9.49
CA VAL B 353 -39.98 -14.85 -10.08
C VAL B 353 -39.79 -15.99 -9.09
N SER B 354 -39.29 -17.12 -9.59
CA SER B 354 -39.00 -18.27 -8.73
C SER B 354 -37.62 -18.21 -8.11
N GLY B 355 -36.66 -17.57 -8.77
CA GLY B 355 -35.32 -17.42 -8.22
C GLY B 355 -34.28 -18.19 -8.99
N ALA B 356 -34.53 -19.47 -9.20
CA ALA B 356 -33.63 -20.34 -9.96
C ALA B 356 -34.42 -21.05 -11.05
N ASN B 357 -33.71 -21.47 -12.10
CA ASN B 357 -34.37 -22.02 -13.28
C ASN B 357 -34.88 -23.44 -13.08
N TYR B 358 -34.54 -24.10 -12.00
CA TYR B 358 -35.07 -25.43 -11.69
C TYR B 358 -36.23 -25.38 -10.69
N ILE B 359 -36.63 -24.19 -10.24
CA ILE B 359 -37.75 -24.04 -9.32
C ILE B 359 -38.98 -23.64 -10.12
N LYS B 360 -40.07 -24.36 -9.91
CA LYS B 360 -41.24 -24.22 -10.77
C LYS B 360 -42.33 -23.34 -10.19
N LYS B 361 -42.63 -23.47 -8.89
CA LYS B 361 -43.66 -22.66 -8.27
C LYS B 361 -43.07 -21.36 -7.72
N LYS B 362 -43.84 -20.28 -7.85
CA LYS B 362 -43.46 -18.96 -7.38
C LYS B 362 -44.37 -18.56 -6.23
N GLY B 363 -43.76 -18.10 -5.14
CA GLY B 363 -44.51 -17.76 -3.94
C GLY B 363 -43.59 -17.76 -2.73
N ARG B 364 -44.20 -17.80 -1.55
CA ARG B 364 -43.48 -17.75 -0.30
C ARG B 364 -44.11 -18.70 0.72
N ILE B 365 -43.36 -18.98 1.78
CA ILE B 365 -43.87 -19.79 2.88
C ILE B 365 -44.65 -18.88 3.83
N PRO B 366 -45.90 -19.22 4.16
CA PRO B 366 -46.73 -18.32 4.98
C PRO B 366 -46.22 -18.27 6.42
N GLY B 367 -46.10 -17.04 6.95
CA GLY B 367 -45.73 -16.86 8.34
C GLY B 367 -44.24 -16.76 8.61
N ALA B 368 -43.40 -16.82 7.59
CA ALA B 368 -41.96 -16.63 7.78
C ALA B 368 -41.63 -15.15 7.79
N ILE B 369 -40.57 -14.80 8.51
CA ILE B 369 -40.12 -13.41 8.56
C ILE B 369 -39.21 -13.14 7.37
N PHE B 370 -39.52 -12.09 6.61
CA PHE B 370 -38.75 -11.74 5.43
C PHE B 370 -37.48 -10.98 5.82
N ALA B 371 -36.33 -11.42 5.28
CA ALA B 371 -35.05 -10.75 5.51
C ALA B 371 -34.31 -10.68 4.16
N GLU B 372 -34.75 -9.75 3.31
CA GLU B 372 -34.29 -9.56 1.94
C GLU B 372 -32.78 -9.76 1.75
N CYS B 373 -32.41 -10.81 1.01
CA CYS B 373 -31.01 -11.15 0.81
C CYS B 373 -30.28 -10.06 0.03
N GLY B 374 -30.91 -9.56 -1.02
CA GLY B 374 -30.30 -8.66 -1.99
C GLY B 374 -31.10 -8.67 -3.28
N SER B 375 -30.37 -8.52 -4.40
CA SER B 375 -31.01 -8.26 -5.69
C SER B 375 -31.69 -9.50 -6.27
N ASP B 376 -31.08 -10.67 -6.15
CA ASP B 376 -31.66 -11.88 -6.73
C ASP B 376 -31.18 -13.10 -5.94
N ALA B 377 -31.31 -14.28 -6.55
CA ALA B 377 -30.98 -15.53 -5.87
C ALA B 377 -29.48 -15.80 -5.79
N TYR B 378 -28.64 -14.96 -6.38
CA TYR B 378 -27.21 -15.23 -6.42
C TYR B 378 -26.37 -14.04 -5.93
N HIS B 379 -26.99 -13.12 -5.20
CA HIS B 379 -26.32 -11.95 -4.64
C HIS B 379 -26.81 -11.72 -3.22
N MET B 380 -25.93 -11.22 -2.37
CA MET B 380 -26.21 -11.01 -0.94
C MET B 380 -25.92 -9.58 -0.51
N GLU B 381 -26.44 -8.61 -1.28
CA GLU B 381 -26.01 -7.22 -1.09
C GLU B 381 -26.40 -6.66 0.27
N ASN B 382 -27.51 -7.14 0.85
CA ASN B 382 -27.91 -6.64 2.17
C ASN B 382 -27.10 -7.26 3.30
N TYR B 383 -26.23 -8.23 3.01
CA TYR B 383 -25.40 -8.85 4.04
C TYR B 383 -23.92 -8.67 3.77
N ARG B 384 -23.55 -7.95 2.72
CA ARG B 384 -22.16 -7.79 2.32
C ARG B 384 -21.86 -6.33 2.02
N ASN B 385 -20.59 -5.98 2.17
CA ASN B 385 -20.05 -4.75 1.64
C ASN B 385 -19.69 -4.96 0.16
N HIS B 386 -19.29 -3.86 -0.50
CA HIS B 386 -18.95 -3.95 -1.92
C HIS B 386 -17.80 -4.92 -2.19
N ASP B 387 -16.90 -5.10 -1.21
CA ASP B 387 -15.77 -6.01 -1.38
C ASP B 387 -16.10 -7.43 -0.93
N HIS B 388 -17.37 -7.71 -0.61
CA HIS B 388 -17.95 -9.00 -0.26
C HIS B 388 -17.68 -9.42 1.18
N THR B 389 -16.94 -8.63 1.97
CA THR B 389 -16.87 -8.91 3.39
C THR B 389 -18.25 -8.74 4.00
N THR B 390 -18.51 -9.44 5.11
CA THR B 390 -19.81 -9.36 5.74
C THR B 390 -20.12 -7.91 6.15
N ARG B 391 -21.38 -7.52 5.97
CA ARG B 391 -21.83 -6.20 6.39
C ARG B 391 -21.61 -6.00 7.88
N GLU B 392 -21.32 -4.76 8.27
CA GLU B 392 -21.20 -4.35 9.67
C GLU B 392 -22.27 -5.03 10.51
N TYR B 393 -21.84 -5.88 11.44
CA TYR B 393 -22.78 -6.79 12.10
C TYR B 393 -23.79 -6.04 12.95
N HIS B 394 -23.47 -4.83 13.42
CA HIS B 394 -24.48 -4.03 14.13
C HIS B 394 -25.63 -3.68 13.20
N GLU B 395 -25.32 -3.36 11.94
CA GLU B 395 -26.37 -3.06 10.97
C GLU B 395 -27.25 -4.28 10.71
N ILE B 396 -26.62 -5.46 10.58
CA ILE B 396 -27.40 -6.69 10.44
C ILE B 396 -28.26 -6.92 11.67
N GLU B 397 -27.68 -6.70 12.85
CA GLU B 397 -28.41 -6.87 14.10
C GLU B 397 -29.64 -5.96 14.17
N ASP B 398 -29.47 -4.68 13.78
CA ASP B 398 -30.56 -3.73 13.88
C ASP B 398 -31.65 -4.02 12.86
N ILE B 399 -31.27 -4.37 11.62
CA ILE B 399 -32.26 -4.71 10.60
C ILE B 399 -33.07 -5.92 11.07
N TRP B 400 -32.38 -6.97 11.52
CA TRP B 400 -33.08 -8.15 12.03
C TRP B 400 -34.01 -7.81 13.19
N ALA B 401 -33.59 -6.91 14.08
CA ALA B 401 -34.41 -6.56 15.24
C ALA B 401 -35.65 -5.78 14.84
N LYS B 402 -35.59 -5.01 13.74
CA LYS B 402 -36.76 -4.28 13.28
C LYS B 402 -37.88 -5.23 12.82
N SER B 403 -37.52 -6.45 12.42
CA SER B 403 -38.49 -7.44 11.95
C SER B 403 -38.76 -8.51 12.99
N GLY B 404 -38.25 -8.35 14.21
CA GLY B 404 -38.48 -9.34 15.25
C GLY B 404 -37.60 -10.56 15.18
N ILE B 405 -36.49 -10.49 14.44
CA ILE B 405 -35.52 -11.57 14.39
C ILE B 405 -34.50 -11.29 15.50
N ILE B 406 -34.53 -12.11 16.54
CA ILE B 406 -33.77 -11.84 17.77
C ILE B 406 -33.19 -13.15 18.29
N PRO B 407 -32.11 -13.06 19.07
CA PRO B 407 -31.44 -14.29 19.53
C PRO B 407 -32.21 -15.08 20.58
N LYS B 408 -33.26 -14.51 21.17
CA LYS B 408 -34.06 -15.25 22.15
C LYS B 408 -34.85 -16.39 21.50
N LYS B 409 -35.09 -16.33 20.20
CA LYS B 409 -35.85 -17.34 19.50
C LYS B 409 -34.94 -18.41 18.92
N HIS B 410 -35.53 -19.56 18.61
CA HIS B 410 -34.88 -20.51 17.72
C HIS B 410 -35.19 -20.10 16.29
N LEU B 411 -34.14 -19.80 15.52
CA LEU B 411 -34.30 -19.29 14.17
C LEU B 411 -33.82 -20.32 13.16
N ALA B 412 -34.61 -20.54 12.11
CA ALA B 412 -34.22 -21.36 10.98
C ALA B 412 -34.21 -20.47 9.75
N PHE B 413 -33.02 -20.18 9.25
CA PHE B 413 -32.88 -19.38 8.03
C PHE B 413 -33.01 -20.28 6.82
N TYR B 414 -33.64 -19.77 5.77
CA TYR B 414 -33.83 -20.55 4.55
C TYR B 414 -33.91 -19.63 3.35
N CSS B 415 -33.88 -20.23 2.17
CA CSS B 415 -33.98 -19.51 0.92
CB CSS B 415 -32.65 -18.92 0.45
SG CSS B 415 -31.33 -20.07 0.43
SD CSS B 415 -30.62 -20.08 -1.55
C CSS B 415 -34.54 -20.49 -0.11
O CSS B 415 -35.42 -21.31 0.16
N GLY B 416 -34.01 -20.39 -1.32
CA GLY B 416 -34.38 -21.32 -2.38
C GLY B 416 -33.99 -22.76 -2.05
N THR B 417 -32.70 -22.99 -1.84
CA THR B 417 -32.18 -24.32 -1.61
C THR B 417 -31.19 -24.42 -0.45
N GLY B 418 -30.87 -23.32 0.22
CA GLY B 418 -30.02 -23.37 1.40
C GLY B 418 -28.76 -22.54 1.32
N TRP B 419 -28.41 -21.98 0.16
CA TRP B 419 -27.15 -21.24 0.03
C TRP B 419 -27.22 -19.90 0.76
N ARG B 420 -28.13 -19.03 0.33
CA ARG B 420 -28.26 -17.72 0.96
C ARG B 420 -28.60 -17.85 2.43
N GLY B 421 -29.48 -18.80 2.76
CA GLY B 421 -29.80 -19.04 4.16
C GLY B 421 -28.59 -19.38 4.99
N SER B 422 -27.64 -20.11 4.41
CA SER B 422 -26.42 -20.46 5.11
C SER B 422 -25.60 -19.22 5.46
N GLU B 423 -25.56 -18.24 4.55
CA GLU B 423 -24.79 -17.03 4.81
C GLU B 423 -25.46 -16.18 5.88
N ALA B 424 -26.79 -16.04 5.83
CA ALA B 424 -27.51 -15.37 6.90
C ALA B 424 -27.28 -16.08 8.23
N TRP B 425 -27.38 -17.42 8.21
CA TRP B 425 -27.15 -18.21 9.42
C TRP B 425 -25.76 -17.98 9.99
N PHE B 426 -24.74 -17.94 9.13
CA PHE B 426 -23.37 -17.77 9.61
C PHE B 426 -23.19 -16.41 10.28
N ASN B 427 -23.82 -15.37 9.75
CA ASN B 427 -23.74 -14.06 10.38
C ASN B 427 -24.35 -14.08 11.77
N ALA B 428 -25.49 -14.77 11.95
CA ALA B 428 -26.06 -14.92 13.28
C ALA B 428 -25.17 -15.76 14.18
N LEU B 429 -24.57 -16.82 13.62
CA LEU B 429 -23.65 -17.64 14.41
C LEU B 429 -22.47 -16.81 14.91
N LEU B 430 -21.93 -15.92 14.06
CA LEU B 430 -20.79 -15.11 14.46
C LEU B 430 -21.13 -14.19 15.62
N MET B 431 -22.40 -13.78 15.75
CA MET B 431 -22.83 -12.91 16.84
C MET B 431 -23.10 -13.66 18.13
N GLY B 432 -22.85 -14.97 18.16
CA GLY B 432 -23.10 -15.74 19.38
C GLY B 432 -24.55 -16.09 19.64
N TRP B 433 -25.42 -16.02 18.65
CA TRP B 433 -26.81 -16.38 18.87
C TRP B 433 -26.88 -17.87 19.19
N PRO B 434 -27.63 -18.27 20.22
CA PRO B 434 -27.51 -19.64 20.75
C PRO B 434 -28.36 -20.69 20.04
N ARG B 435 -29.38 -20.28 19.29
CA ARG B 435 -30.30 -21.23 18.66
C ARG B 435 -30.59 -20.75 17.23
N VAL B 436 -29.62 -20.96 16.33
CA VAL B 436 -29.79 -20.60 14.93
C VAL B 436 -29.57 -21.84 14.07
N SER B 437 -30.41 -22.01 13.06
CA SER B 437 -30.41 -23.19 12.21
C SER B 437 -30.57 -22.78 10.76
N VAL B 438 -30.44 -23.75 9.87
CA VAL B 438 -30.78 -23.60 8.46
C VAL B 438 -31.87 -24.61 8.17
N TYR B 439 -33.02 -24.13 7.71
CA TYR B 439 -34.01 -25.04 7.13
C TYR B 439 -33.53 -25.40 5.73
N ASP B 440 -32.93 -26.59 5.61
CA ASP B 440 -32.22 -26.96 4.38
C ASP B 440 -33.14 -26.92 3.17
N GLY B 441 -34.29 -27.60 3.24
CA GLY B 441 -35.14 -27.77 2.07
C GLY B 441 -35.53 -26.47 1.41
N GLY B 442 -35.88 -25.46 2.20
CA GLY B 442 -36.21 -24.16 1.67
C GLY B 442 -37.47 -24.14 0.82
N TRP B 443 -37.55 -23.12 -0.04
CA TRP B 443 -38.70 -22.98 -0.93
C TRP B 443 -38.74 -24.09 -1.98
N PHE B 444 -37.58 -24.57 -2.43
CA PHE B 444 -37.56 -25.67 -3.39
C PHE B 444 -38.30 -26.89 -2.85
N GLU B 445 -37.96 -27.31 -1.63
CA GLU B 445 -38.64 -28.47 -1.04
C GLU B 445 -40.08 -28.14 -0.70
N TRP B 446 -40.32 -26.95 -0.15
CA TRP B 446 -41.68 -26.57 0.25
C TRP B 446 -42.61 -26.54 -0.94
N SER B 447 -42.23 -25.81 -2.00
CA SER B 447 -43.10 -25.68 -3.16
C SER B 447 -43.21 -26.97 -3.95
N ASN B 448 -42.29 -27.93 -3.75
CA ASN B 448 -42.38 -29.18 -4.48
C ASN B 448 -43.55 -30.04 -4.04
N ASP B 449 -44.13 -29.77 -2.86
CA ASP B 449 -45.33 -30.43 -2.43
C ASP B 449 -46.52 -29.50 -2.67
N PRO B 450 -47.42 -29.82 -3.60
CA PRO B 450 -48.56 -28.92 -3.85
C PRO B 450 -49.53 -28.86 -2.67
N GLU B 451 -49.45 -29.78 -1.72
CA GLU B 451 -50.33 -29.72 -0.56
C GLU B 451 -49.92 -28.61 0.40
N ASN B 452 -48.65 -28.23 0.38
CA ASN B 452 -48.17 -27.18 1.29
C ASN B 452 -48.75 -25.83 0.88
N PRO B 453 -49.29 -25.05 1.81
CA PRO B 453 -49.82 -23.73 1.46
C PRO B 453 -48.69 -22.77 1.11
N TYR B 454 -49.04 -21.75 0.33
CA TYR B 454 -48.09 -20.71 -0.04
C TYR B 454 -48.84 -19.44 -0.38
N GLU B 455 -48.13 -18.32 -0.32
CA GLU B 455 -48.69 -17.01 -0.62
C GLU B 455 -47.99 -16.42 -1.83
N THR B 456 -48.64 -15.46 -2.47
CA THR B 456 -48.11 -14.83 -3.66
C THR B 456 -48.59 -13.39 -3.70
N GLY B 457 -48.01 -12.61 -4.61
CA GLY B 457 -48.36 -11.21 -4.74
C GLY B 457 -47.85 -10.35 -3.61
N VAL B 458 -47.97 -9.03 -3.74
CA VAL B 458 -47.54 -8.12 -2.68
C VAL B 458 -48.45 -8.29 -1.46
N PRO B 459 -47.92 -8.24 -0.24
CA PRO B 459 -48.73 -8.53 0.93
C PRO B 459 -49.54 -7.33 1.39
N LYS B 460 -50.56 -7.63 2.19
CA LYS B 460 -51.45 -6.60 2.72
C LYS B 460 -51.57 -6.71 4.24
MG MG C . 18.37 31.77 -8.60
MG MG D . 21.13 -7.30 -20.57
O01 LW8 E . 9.78 28.74 -4.35
C02 LW8 E . 10.63 28.46 -3.51
O03 LW8 E . 10.57 27.91 -2.40
C04 LW8 E . 12.13 28.84 -4.02
N05 LW8 E . 12.86 29.75 -2.96
C06 LW8 E . 14.12 30.29 -3.58
C07 LW8 E . 11.95 30.95 -2.62
C08 LW8 E . 13.22 29.04 -1.66
C09 LW8 E . 12.89 27.58 -4.40
C10 LW8 E . 12.19 26.95 -5.53
N11 LW8 E . 11.79 27.74 -6.63
C14 LW8 E . 11.12 26.97 -7.56
S15 LW8 E . 10.48 27.46 -8.99
N13 LW8 E . 11.11 25.67 -7.02
C12 LW8 E . 11.76 25.68 -5.76
CL CL F . 12.63 17.49 -0.93
CL CL G . 3.53 27.73 4.16
CL CL H . 30.26 2.24 6.16
C1 EDO I . 32.50 10.99 -18.09
O1 EDO I . 33.51 10.15 -17.55
C2 EDO I . 33.09 12.35 -18.46
O2 EDO I . 33.84 12.24 -19.68
MG MG J . -23.46 8.57 18.68
MG MG K . -31.58 -27.56 0.60
O01 LW8 L . -29.10 -22.53 -8.05
C02 LW8 L . -28.00 -22.83 -7.57
O03 LW8 L . -26.84 -22.59 -7.94
C04 LW8 L . -28.13 -23.65 -6.16
N05 LW8 L . -27.40 -25.04 -6.26
C06 LW8 L . -25.87 -24.95 -6.35
C07 LW8 L . -27.89 -25.77 -7.50
C08 LW8 L . -27.74 -25.86 -5.06
C09 LW8 L . -27.66 -22.78 -5.01
C10 LW8 L . -28.51 -21.58 -4.98
N11 LW8 L . -29.91 -21.72 -4.97
C14 LW8 L . -30.51 -20.48 -4.97
S15 LW8 L . -32.12 -20.16 -4.96
N13 LW8 L . -29.45 -19.56 -4.99
C12 LW8 L . -28.21 -20.24 -5.00
CL CL M . -20.24 -15.14 -3.90
C1 EDO N . 0.08 -22.50 16.01
O1 EDO N . 0.46 -23.71 15.37
C2 EDO N . 0.42 -21.32 15.12
O2 EDO N . 0.14 -20.09 15.80
#